data_2CRC
#
_entry.id   2CRC
#
loop_
_entity.id
_entity.type
_entity.pdbx_description
1 polymer 'Ubiquitin conjugating enzyme 7 interacting protein 3'
2 non-polymer 'ZINC ION'
#
_entity_poly.entity_id   1
_entity_poly.type   'polypeptide(L)'
_entity_poly.pdbx_seq_one_letter_code
;GSSGSSGPVGWQCPGCTFINKPTRPGCEMCCRARPEAYQVPASYQPSGPSSG
;
_entity_poly.pdbx_strand_id   A
#
# COMPACT_ATOMS: atom_id res chain seq x y z
N GLY A 1 15.89 5.40 -12.36
CA GLY A 1 15.36 4.71 -11.20
C GLY A 1 15.71 3.23 -11.19
N SER A 2 14.76 2.40 -10.79
CA SER A 2 14.98 0.95 -10.73
C SER A 2 14.17 0.24 -11.81
N SER A 3 14.82 -0.64 -12.55
CA SER A 3 14.17 -1.39 -13.61
C SER A 3 13.44 -2.62 -13.05
N GLY A 4 12.12 -2.62 -13.18
CA GLY A 4 11.32 -3.72 -12.68
C GLY A 4 11.43 -3.88 -11.18
N SER A 5 10.77 -3.00 -10.44
CA SER A 5 10.79 -3.04 -8.98
C SER A 5 9.38 -3.09 -8.41
N SER A 6 8.51 -3.83 -9.08
CA SER A 6 7.13 -3.95 -8.64
C SER A 6 7.05 -4.46 -7.21
N GLY A 7 7.76 -5.54 -6.93
CA GLY A 7 7.77 -6.11 -5.59
C GLY A 7 6.37 -6.36 -5.07
N PRO A 8 6.24 -6.44 -3.73
CA PRO A 8 4.95 -6.67 -3.07
C PRO A 8 4.01 -5.48 -3.20
N VAL A 9 2.76 -5.67 -2.77
CA VAL A 9 1.76 -4.61 -2.83
C VAL A 9 1.94 -3.62 -1.68
N GLY A 10 1.01 -2.67 -1.59
CA GLY A 10 1.07 -1.68 -0.52
C GLY A 10 2.17 -0.66 -0.75
N TRP A 11 1.96 0.55 -0.24
CA TRP A 11 2.94 1.62 -0.39
C TRP A 11 3.89 1.67 0.80
N GLN A 12 5.18 1.52 0.53
CA GLN A 12 6.19 1.55 1.59
C GLN A 12 6.27 2.93 2.23
N CYS A 13 5.91 2.99 3.51
CA CYS A 13 5.93 4.25 4.25
C CYS A 13 7.21 5.03 3.93
N PRO A 14 7.03 6.30 3.52
CA PRO A 14 8.14 7.19 3.19
C PRO A 14 8.96 7.59 4.41
N GLY A 15 8.62 7.02 5.55
CA GLY A 15 9.33 7.33 6.78
C GLY A 15 9.86 6.10 7.48
N CYS A 16 9.00 5.07 7.60
CA CYS A 16 9.39 3.83 8.26
C CYS A 16 9.44 2.69 7.26
N THR A 17 9.26 3.01 5.98
CA THR A 17 9.28 2.01 4.92
C THR A 17 8.47 0.78 5.32
N PHE A 18 7.29 1.01 5.88
CA PHE A 18 6.42 -0.09 6.30
C PHE A 18 5.37 -0.38 5.24
N ILE A 19 5.72 -1.24 4.29
CA ILE A 19 4.81 -1.62 3.22
C ILE A 19 3.36 -1.62 3.71
N ASN A 20 2.68 -0.49 3.54
CA ASN A 20 1.29 -0.37 3.96
C ASN A 20 0.34 -0.74 2.82
N LYS A 21 -0.70 -1.50 3.15
CA LYS A 21 -1.69 -1.91 2.16
C LYS A 21 -2.07 -0.76 1.25
N PRO A 22 -2.38 -1.08 -0.02
CA PRO A 22 -2.77 -0.07 -1.02
C PRO A 22 -4.14 0.53 -0.72
N THR A 23 -4.78 0.05 0.34
CA THR A 23 -6.10 0.53 0.72
C THR A 23 -6.02 1.44 1.95
N ARG A 24 -4.89 1.36 2.65
CA ARG A 24 -4.68 2.17 3.85
C ARG A 24 -3.82 3.39 3.53
N PRO A 25 -4.46 4.56 3.41
CA PRO A 25 -3.77 5.82 3.12
C PRO A 25 -2.91 6.29 4.28
N GLY A 26 -2.86 5.49 5.34
CA GLY A 26 -2.07 5.85 6.50
C GLY A 26 -1.10 4.76 6.91
N CYS A 27 -0.16 5.10 7.79
CA CYS A 27 0.83 4.13 8.26
C CYS A 27 0.41 3.54 9.60
N GLU A 28 1.03 2.41 9.95
CA GLU A 28 0.72 1.74 11.20
C GLU A 28 1.82 1.96 12.23
N MET A 29 3.07 1.92 11.77
CA MET A 29 4.22 2.12 12.65
C MET A 29 4.29 3.57 13.11
N CYS A 30 4.78 4.45 12.23
CA CYS A 30 4.90 5.87 12.55
C CYS A 30 3.66 6.63 12.13
N CYS A 31 2.58 5.91 11.88
CA CYS A 31 1.32 6.52 11.45
C CYS A 31 1.58 7.74 10.59
N ARG A 32 2.66 7.69 9.81
CA ARG A 32 3.02 8.80 8.93
C ARG A 32 2.14 8.80 7.68
N ALA A 33 1.35 9.86 7.53
CA ALA A 33 0.46 9.99 6.37
C ALA A 33 1.11 9.40 5.12
N ARG A 34 0.26 8.90 4.21
CA ARG A 34 0.75 8.31 2.97
C ARG A 34 1.22 9.40 1.99
N PRO A 35 2.34 9.12 1.30
CA PRO A 35 2.92 10.07 0.34
C PRO A 35 2.06 10.20 -0.91
N GLU A 36 1.34 11.31 -1.01
CA GLU A 36 0.48 11.56 -2.16
C GLU A 36 1.16 11.13 -3.46
N ALA A 37 2.41 11.53 -3.61
CA ALA A 37 3.19 11.19 -4.80
C ALA A 37 2.90 9.76 -5.25
N TYR A 38 2.98 8.82 -4.30
CA TYR A 38 2.73 7.42 -4.59
C TYR A 38 1.48 7.25 -5.45
N GLN A 39 1.36 6.09 -6.09
CA GLN A 39 0.21 5.81 -6.94
C GLN A 39 -0.42 4.45 -6.58
N VAL A 40 -1.74 4.46 -6.41
CA VAL A 40 -2.45 3.23 -6.07
C VAL A 40 -3.28 2.72 -7.25
N PRO A 41 -3.24 1.40 -7.46
CA PRO A 41 -3.98 0.76 -8.55
C PRO A 41 -5.48 0.79 -8.34
N ALA A 42 -6.13 1.83 -8.84
CA ALA A 42 -7.57 1.97 -8.70
C ALA A 42 -8.29 0.64 -8.93
N SER A 43 -9.55 0.57 -8.51
CA SER A 43 -10.33 -0.66 -8.66
C SER A 43 -9.72 -1.80 -7.85
N TYR A 44 -9.22 -1.47 -6.66
CA TYR A 44 -8.60 -2.47 -5.80
C TYR A 44 -9.50 -2.80 -4.61
N GLN A 45 -9.43 -4.04 -4.15
CA GLN A 45 -10.24 -4.48 -3.02
C GLN A 45 -9.38 -5.23 -2.00
N PRO A 46 -9.86 -5.27 -0.75
CA PRO A 46 -9.16 -5.96 0.35
C PRO A 46 -9.17 -7.47 0.19
N SER A 47 -9.75 -7.94 -0.92
CA SER A 47 -9.83 -9.37 -1.18
C SER A 47 -10.66 -10.07 -0.11
N GLY A 48 -11.80 -9.48 0.24
CA GLY A 48 -12.66 -10.07 1.25
C GLY A 48 -13.26 -11.38 0.82
N PRO A 49 -13.72 -12.19 1.79
CA PRO A 49 -14.32 -13.50 1.52
C PRO A 49 -15.67 -13.38 0.83
N SER A 50 -16.15 -14.50 0.29
CA SER A 50 -17.43 -14.52 -0.42
C SER A 50 -18.13 -15.87 -0.21
N SER A 51 -19.29 -16.02 -0.85
CA SER A 51 -20.06 -17.25 -0.74
C SER A 51 -20.40 -17.55 0.73
N GLY A 52 -20.82 -16.51 1.45
CA GLY A 52 -21.17 -16.68 2.85
C GLY A 52 -20.06 -17.32 3.65
N GLY A 1 11.27 4.54 -3.15
CA GLY A 1 11.05 3.10 -3.06
C GLY A 1 11.86 2.33 -4.07
N SER A 2 11.80 1.00 -3.98
CA SER A 2 12.54 0.13 -4.90
C SER A 2 12.10 0.38 -6.34
N SER A 3 12.95 -0.01 -7.28
CA SER A 3 12.65 0.16 -8.71
C SER A 3 13.07 -1.07 -9.51
N GLY A 4 12.10 -1.76 -10.08
CA GLY A 4 12.39 -2.95 -10.87
C GLY A 4 11.16 -3.78 -11.13
N SER A 5 11.26 -5.08 -10.84
CA SER A 5 10.14 -5.99 -11.05
C SER A 5 9.02 -5.72 -10.06
N SER A 6 7.87 -6.37 -10.27
CA SER A 6 6.71 -6.19 -9.41
C SER A 6 6.41 -7.47 -8.63
N GLY A 7 6.50 -7.38 -7.31
CA GLY A 7 6.23 -8.53 -6.47
C GLY A 7 5.20 -8.25 -5.39
N PRO A 8 5.65 -7.67 -4.27
CA PRO A 8 4.77 -7.33 -3.16
C PRO A 8 3.82 -6.19 -3.48
N VAL A 9 2.94 -5.88 -2.55
CA VAL A 9 1.97 -4.79 -2.74
C VAL A 9 2.05 -3.78 -1.59
N GLY A 10 1.21 -2.75 -1.67
CA GLY A 10 1.19 -1.74 -0.63
C GLY A 10 2.23 -0.66 -0.87
N TRP A 11 2.03 0.50 -0.25
CA TRP A 11 2.96 1.61 -0.40
C TRP A 11 3.91 1.68 0.79
N GLN A 12 5.20 1.49 0.52
CA GLN A 12 6.22 1.53 1.58
C GLN A 12 6.28 2.92 2.20
N CYS A 13 5.97 2.99 3.50
CA CYS A 13 6.00 4.25 4.22
C CYS A 13 7.27 5.04 3.89
N PRO A 14 7.09 6.30 3.49
CA PRO A 14 8.21 7.19 3.13
C PRO A 14 9.02 7.59 4.35
N GLY A 15 8.69 7.02 5.50
CA GLY A 15 9.40 7.34 6.72
C GLY A 15 9.93 6.10 7.43
N CYS A 16 9.08 5.10 7.58
CA CYS A 16 9.46 3.86 8.24
C CYS A 16 9.50 2.70 7.25
N THR A 17 9.24 3.01 5.98
CA THR A 17 9.25 2.00 4.93
C THR A 17 8.42 0.78 5.33
N PHE A 18 7.27 1.03 5.97
CA PHE A 18 6.39 -0.04 6.41
C PHE A 18 5.33 -0.34 5.34
N ILE A 19 5.68 -1.21 4.41
CA ILE A 19 4.75 -1.57 3.34
C ILE A 19 3.31 -1.56 3.83
N ASN A 20 2.62 -0.45 3.58
CA ASN A 20 1.23 -0.31 3.99
C ASN A 20 0.28 -0.64 2.84
N LYS A 21 -0.70 -1.50 3.11
CA LYS A 21 -1.66 -1.90 2.10
C LYS A 21 -2.07 -0.70 1.24
N PRO A 22 -2.40 -0.98 -0.03
CA PRO A 22 -2.81 0.06 -0.98
C PRO A 22 -4.19 0.63 -0.64
N THR A 23 -4.85 0.04 0.35
CA THR A 23 -6.17 0.50 0.76
C THR A 23 -6.08 1.44 1.96
N ARG A 24 -4.98 1.33 2.70
CA ARG A 24 -4.76 2.18 3.87
C ARG A 24 -3.86 3.37 3.54
N PRO A 25 -4.48 4.55 3.37
CA PRO A 25 -3.74 5.78 3.05
C PRO A 25 -2.88 6.26 4.21
N GLY A 26 -2.86 5.49 5.28
CA GLY A 26 -2.06 5.86 6.45
C GLY A 26 -1.11 4.77 6.88
N CYS A 27 -0.15 5.11 7.71
CA CYS A 27 0.84 4.15 8.20
C CYS A 27 0.41 3.58 9.55
N GLU A 28 1.02 2.46 9.93
CA GLU A 28 0.70 1.80 11.19
C GLU A 28 1.83 2.02 12.20
N MET A 29 3.06 1.93 11.73
CA MET A 29 4.23 2.11 12.59
C MET A 29 4.32 3.55 13.08
N CYS A 30 4.79 4.44 12.20
CA CYS A 30 4.93 5.85 12.54
C CYS A 30 3.68 6.64 12.15
N CYS A 31 2.57 5.91 11.94
CA CYS A 31 1.32 6.53 11.56
C CYS A 31 1.55 7.72 10.62
N ARG A 32 2.63 7.63 9.85
CA ARG A 32 2.97 8.69 8.90
C ARG A 32 2.03 8.68 7.71
N ALA A 33 1.29 9.77 7.53
CA ALA A 33 0.35 9.89 6.42
C ALA A 33 1.00 9.49 5.10
N ARG A 34 0.30 8.67 4.33
CA ARG A 34 0.80 8.20 3.05
C ARG A 34 1.24 9.38 2.18
N PRO A 35 2.37 9.19 1.46
CA PRO A 35 2.92 10.24 0.59
C PRO A 35 2.05 10.47 -0.65
N GLU A 36 2.06 11.69 -1.14
CA GLU A 36 1.28 12.05 -2.32
C GLU A 36 1.84 11.39 -3.57
N ALA A 37 3.17 11.43 -3.71
CA ALA A 37 3.84 10.83 -4.85
C ALA A 37 3.19 9.50 -5.23
N TYR A 38 2.94 8.66 -4.23
CA TYR A 38 2.33 7.36 -4.45
C TYR A 38 0.94 7.50 -5.07
N GLN A 39 0.44 6.41 -5.64
CA GLN A 39 -0.88 6.41 -6.26
C GLN A 39 -1.56 5.06 -6.11
N VAL A 40 -2.89 5.07 -6.09
CA VAL A 40 -3.66 3.84 -5.95
C VAL A 40 -4.13 3.33 -7.31
N PRO A 41 -3.94 2.02 -7.55
CA PRO A 41 -4.35 1.39 -8.81
C PRO A 41 -5.87 1.30 -8.95
N ALA A 42 -6.32 0.69 -10.04
CA ALA A 42 -7.75 0.54 -10.29
C ALA A 42 -8.20 -0.89 -10.03
N SER A 43 -9.50 -1.06 -9.77
CA SER A 43 -10.05 -2.37 -9.49
C SER A 43 -9.24 -3.10 -8.43
N TYR A 44 -8.85 -2.38 -7.39
CA TYR A 44 -8.06 -2.94 -6.31
C TYR A 44 -8.85 -2.93 -5.00
N GLN A 45 -9.37 -1.77 -4.65
CA GLN A 45 -10.15 -1.62 -3.42
C GLN A 45 -11.21 -2.71 -3.30
N PRO A 46 -11.39 -3.23 -2.08
CA PRO A 46 -12.37 -4.29 -1.81
C PRO A 46 -13.80 -3.79 -1.91
N SER A 47 -14.73 -4.71 -2.12
CA SER A 47 -16.14 -4.36 -2.24
C SER A 47 -16.56 -3.40 -1.13
N GLY A 48 -16.11 -3.68 0.08
CA GLY A 48 -16.44 -2.83 1.22
C GLY A 48 -17.92 -2.83 1.53
N PRO A 49 -18.42 -3.99 1.99
CA PRO A 49 -19.84 -4.15 2.34
C PRO A 49 -20.22 -3.35 3.59
N SER A 50 -21.45 -2.82 3.59
CA SER A 50 -21.94 -2.04 4.72
C SER A 50 -21.83 -2.85 6.02
N SER A 51 -21.45 -2.17 7.09
CA SER A 51 -21.31 -2.82 8.39
C SER A 51 -21.86 -1.92 9.51
N GLY A 52 -21.87 -2.45 10.72
CA GLY A 52 -22.37 -1.68 11.86
C GLY A 52 -21.27 -0.90 12.56
N GLY A 1 12.82 -2.27 -21.60
CA GLY A 1 12.24 -1.97 -20.30
C GLY A 1 13.01 -2.61 -19.16
N SER A 2 13.38 -1.81 -18.17
CA SER A 2 14.13 -2.31 -17.02
C SER A 2 13.21 -3.09 -16.07
N SER A 3 13.70 -4.23 -15.60
CA SER A 3 12.94 -5.08 -14.70
C SER A 3 12.29 -4.25 -13.59
N GLY A 4 13.10 -3.46 -12.90
CA GLY A 4 12.60 -2.63 -11.82
C GLY A 4 12.59 -3.33 -10.49
N SER A 5 11.73 -2.90 -9.59
CA SER A 5 11.63 -3.50 -8.26
C SER A 5 10.28 -4.17 -8.06
N SER A 6 10.18 -5.42 -8.48
CA SER A 6 8.95 -6.18 -8.35
C SER A 6 8.88 -6.90 -7.00
N GLY A 7 7.95 -6.47 -6.16
CA GLY A 7 7.80 -7.07 -4.84
C GLY A 7 6.34 -7.18 -4.43
N PRO A 8 6.10 -7.15 -3.10
CA PRO A 8 4.75 -7.26 -2.55
C PRO A 8 3.91 -6.02 -2.82
N VAL A 9 2.68 -6.02 -2.33
CA VAL A 9 1.78 -4.89 -2.53
C VAL A 9 1.89 -3.89 -1.38
N GLY A 10 1.15 -2.80 -1.49
CA GLY A 10 1.19 -1.77 -0.45
C GLY A 10 2.25 -0.73 -0.72
N TRP A 11 2.03 0.47 -0.19
CA TRP A 11 2.98 1.57 -0.37
C TRP A 11 3.95 1.65 0.80
N GLN A 12 5.23 1.50 0.51
CA GLN A 12 6.26 1.55 1.56
C GLN A 12 6.32 2.93 2.19
N CYS A 13 5.99 3.01 3.47
CA CYS A 13 6.00 4.28 4.20
C CYS A 13 7.27 5.07 3.88
N PRO A 14 7.09 6.33 3.48
CA PRO A 14 8.21 7.21 3.14
C PRO A 14 9.02 7.62 4.36
N GLY A 15 8.69 7.04 5.50
CA GLY A 15 9.39 7.35 6.73
C GLY A 15 9.90 6.11 7.45
N CYS A 16 9.03 5.11 7.60
CA CYS A 16 9.39 3.88 8.27
C CYS A 16 9.47 2.73 7.27
N THR A 17 9.20 3.03 6.00
CA THR A 17 9.24 2.02 4.95
C THR A 17 8.43 0.79 5.34
N PHE A 18 7.25 1.02 5.91
CA PHE A 18 6.38 -0.07 6.33
C PHE A 18 5.32 -0.35 5.27
N ILE A 19 5.67 -1.18 4.29
CA ILE A 19 4.75 -1.53 3.22
C ILE A 19 3.30 -1.55 3.73
N ASN A 20 2.61 -0.43 3.58
CA ASN A 20 1.22 -0.33 4.02
C ASN A 20 0.27 -0.67 2.88
N LYS A 21 -0.70 -1.54 3.16
CA LYS A 21 -1.67 -1.95 2.16
C LYS A 21 -2.08 -0.77 1.28
N PRO A 22 -2.38 -1.06 0.00
CA PRO A 22 -2.77 -0.04 -0.97
C PRO A 22 -4.15 0.54 -0.67
N THR A 23 -4.78 0.04 0.39
CA THR A 23 -6.10 0.50 0.78
C THR A 23 -6.03 1.44 1.98
N ARG A 24 -4.92 1.37 2.70
CA ARG A 24 -4.71 2.21 3.87
C ARG A 24 -3.88 3.45 3.53
N PRO A 25 -4.54 4.61 3.43
CA PRO A 25 -3.89 5.87 3.10
C PRO A 25 -2.99 6.37 4.23
N GLY A 26 -2.88 5.57 5.28
CA GLY A 26 -2.05 5.94 6.42
C GLY A 26 -1.10 4.84 6.84
N CYS A 27 -0.14 5.18 7.68
CA CYS A 27 0.84 4.21 8.16
C CYS A 27 0.40 3.59 9.48
N GLU A 28 1.00 2.45 9.84
CA GLU A 28 0.68 1.77 11.09
C GLU A 28 1.79 1.96 12.12
N MET A 29 3.03 1.89 11.65
CA MET A 29 4.18 2.05 12.53
C MET A 29 4.29 3.49 13.03
N CYS A 30 4.78 4.37 12.18
CA CYS A 30 4.94 5.77 12.53
C CYS A 30 3.69 6.58 12.14
N CYS A 31 2.59 5.87 11.93
CA CYS A 31 1.33 6.52 11.55
C CYS A 31 1.58 7.74 10.68
N ARG A 32 2.64 7.67 9.87
CA ARG A 32 2.99 8.78 8.99
C ARG A 32 2.13 8.76 7.72
N ALA A 33 1.26 9.76 7.60
CA ALA A 33 0.39 9.87 6.44
C ALA A 33 1.06 9.34 5.19
N ARG A 34 0.27 8.78 4.27
CA ARG A 34 0.80 8.23 3.03
C ARG A 34 1.23 9.35 2.09
N PRO A 35 2.38 9.14 1.41
CA PRO A 35 2.93 10.12 0.47
C PRO A 35 2.08 10.25 -0.80
N GLU A 36 1.70 11.47 -1.12
CA GLU A 36 0.89 11.73 -2.31
C GLU A 36 1.61 11.27 -3.57
N ALA A 37 2.91 11.57 -3.65
CA ALA A 37 3.71 11.19 -4.80
C ALA A 37 3.33 9.80 -5.30
N TYR A 38 3.23 8.85 -4.38
CA TYR A 38 2.87 7.48 -4.73
C TYR A 38 1.46 7.41 -5.29
N GLN A 39 1.21 6.43 -6.16
CA GLN A 39 -0.10 6.25 -6.77
C GLN A 39 -0.71 4.91 -6.38
N VAL A 40 -2.02 4.89 -6.21
CA VAL A 40 -2.73 3.68 -5.83
C VAL A 40 -3.80 3.32 -6.86
N PRO A 41 -3.90 2.03 -7.20
CA PRO A 41 -4.87 1.53 -8.17
C PRO A 41 -6.30 1.60 -7.64
N ALA A 42 -7.11 2.48 -8.21
CA ALA A 42 -8.49 2.64 -7.79
C ALA A 42 -9.29 1.37 -8.04
N SER A 43 -10.43 1.25 -7.38
CA SER A 43 -11.29 0.07 -7.54
C SER A 43 -10.55 -1.20 -7.11
N TYR A 44 -9.76 -1.09 -6.04
CA TYR A 44 -9.01 -2.22 -5.55
C TYR A 44 -9.93 -3.33 -5.05
N GLN A 45 -9.46 -4.57 -5.15
CA GLN A 45 -10.24 -5.72 -4.72
C GLN A 45 -9.82 -6.18 -3.33
N PRO A 46 -10.73 -6.88 -2.63
CA PRO A 46 -10.47 -7.39 -1.28
C PRO A 46 -9.46 -8.53 -1.29
N SER A 47 -8.93 -8.85 -2.47
CA SER A 47 -7.95 -9.93 -2.61
C SER A 47 -8.58 -11.28 -2.26
N GLY A 48 -9.78 -11.52 -2.79
CA GLY A 48 -10.46 -12.77 -2.52
C GLY A 48 -10.04 -13.88 -3.48
N PRO A 49 -9.84 -15.08 -2.94
CA PRO A 49 -9.44 -16.25 -3.74
C PRO A 49 -10.54 -16.73 -4.66
N SER A 50 -11.79 -16.51 -4.25
CA SER A 50 -12.94 -16.94 -5.03
C SER A 50 -13.37 -15.83 -6.00
N SER A 51 -12.39 -15.20 -6.64
CA SER A 51 -12.66 -14.12 -7.58
C SER A 51 -12.61 -14.64 -9.02
N GLY A 52 -11.51 -15.32 -9.35
CA GLY A 52 -11.35 -15.85 -10.69
C GLY A 52 -10.05 -15.40 -11.34
N GLY A 1 8.46 5.53 -5.71
CA GLY A 1 7.20 4.81 -5.80
C GLY A 1 7.03 4.09 -7.14
N SER A 2 8.06 3.33 -7.51
CA SER A 2 8.03 2.61 -8.78
C SER A 2 7.81 1.12 -8.54
N SER A 3 6.85 0.54 -9.25
CA SER A 3 6.54 -0.87 -9.11
C SER A 3 5.99 -1.45 -10.42
N GLY A 4 5.95 -2.77 -10.51
CA GLY A 4 5.46 -3.42 -11.72
C GLY A 4 4.46 -4.51 -11.41
N SER A 5 3.96 -5.16 -12.46
CA SER A 5 2.98 -6.24 -12.30
C SER A 5 3.46 -7.25 -11.27
N SER A 6 4.73 -7.62 -11.35
CA SER A 6 5.31 -8.59 -10.43
C SER A 6 5.86 -7.89 -9.18
N GLY A 7 5.91 -8.63 -8.08
CA GLY A 7 6.41 -8.06 -6.84
C GLY A 7 5.32 -7.88 -5.80
N PRO A 8 5.72 -7.41 -4.61
CA PRO A 8 4.77 -7.18 -3.50
C PRO A 8 3.84 -6.01 -3.77
N VAL A 9 2.91 -5.78 -2.86
CA VAL A 9 1.95 -4.69 -2.98
C VAL A 9 2.04 -3.73 -1.79
N GLY A 10 1.24 -2.67 -1.83
CA GLY A 10 1.23 -1.71 -0.74
C GLY A 10 2.27 -0.61 -0.94
N TRP A 11 2.04 0.52 -0.30
CA TRP A 11 2.97 1.65 -0.41
C TRP A 11 3.92 1.69 0.80
N GLN A 12 5.21 1.51 0.53
CA GLN A 12 6.21 1.54 1.59
C GLN A 12 6.30 2.91 2.23
N CYS A 13 5.92 3.00 3.50
CA CYS A 13 5.96 4.26 4.23
C CYS A 13 7.23 5.04 3.90
N PRO A 14 7.07 6.31 3.51
CA PRO A 14 8.19 7.18 3.16
C PRO A 14 9.02 7.57 4.39
N GLY A 15 8.68 6.98 5.53
CA GLY A 15 9.41 7.28 6.75
C GLY A 15 9.93 6.03 7.44
N CYS A 16 9.06 5.03 7.59
CA CYS A 16 9.43 3.78 8.23
C CYS A 16 9.44 2.63 7.22
N THR A 17 9.23 2.97 5.95
CA THR A 17 9.22 1.97 4.89
C THR A 17 8.38 0.76 5.28
N PHE A 18 7.26 1.02 5.95
CA PHE A 18 6.37 -0.05 6.38
C PHE A 18 5.32 -0.33 5.31
N ILE A 19 5.65 -1.22 4.38
CA ILE A 19 4.74 -1.58 3.30
C ILE A 19 3.29 -1.57 3.79
N ASN A 20 2.61 -0.44 3.58
CA ASN A 20 1.22 -0.30 4.00
C ASN A 20 0.28 -0.63 2.85
N LYS A 21 -0.72 -1.48 3.14
CA LYS A 21 -1.69 -1.87 2.12
C LYS A 21 -2.08 -0.69 1.25
N PRO A 22 -2.41 -0.98 -0.02
CA PRO A 22 -2.80 0.04 -0.99
C PRO A 22 -4.16 0.64 -0.68
N THR A 23 -4.86 0.06 0.29
CA THR A 23 -6.18 0.53 0.69
C THR A 23 -6.08 1.46 1.90
N ARG A 24 -4.99 1.33 2.65
CA ARG A 24 -4.78 2.16 3.84
C ARG A 24 -3.82 3.30 3.54
N PRO A 25 -4.38 4.51 3.32
CA PRO A 25 -3.59 5.71 3.03
C PRO A 25 -2.79 6.18 4.23
N GLY A 26 -2.86 5.42 5.32
CA GLY A 26 -2.12 5.79 6.52
C GLY A 26 -1.16 4.71 6.97
N CYS A 27 -0.18 5.10 7.78
CA CYS A 27 0.82 4.15 8.27
C CYS A 27 0.41 3.60 9.64
N GLU A 28 1.03 2.49 10.02
CA GLU A 28 0.73 1.85 11.29
C GLU A 28 1.86 2.09 12.30
N MET A 29 3.10 1.98 11.81
CA MET A 29 4.27 2.18 12.67
C MET A 29 4.37 3.63 13.12
N CYS A 30 4.82 4.49 12.22
CA CYS A 30 4.97 5.92 12.53
C CYS A 30 3.72 6.69 12.12
N CYS A 31 2.61 5.98 11.94
CA CYS A 31 1.36 6.60 11.55
C CYS A 31 1.60 7.79 10.64
N ARG A 32 2.63 7.70 9.81
CA ARG A 32 2.97 8.77 8.89
C ARG A 32 2.06 8.75 7.66
N ALA A 33 1.21 9.76 7.54
CA ALA A 33 0.30 9.86 6.42
C ALA A 33 0.96 9.41 5.12
N ARG A 34 0.24 8.62 4.33
CA ARG A 34 0.77 8.13 3.06
C ARG A 34 1.17 9.29 2.15
N PRO A 35 2.32 9.13 1.48
CA PRO A 35 2.85 10.16 0.56
C PRO A 35 2.00 10.28 -0.70
N GLU A 36 1.93 11.49 -1.25
CA GLU A 36 1.16 11.74 -2.46
C GLU A 36 1.81 11.07 -3.66
N ALA A 37 3.12 11.22 -3.78
CA ALA A 37 3.86 10.62 -4.89
C ALA A 37 3.27 9.27 -5.28
N TYR A 38 3.03 8.43 -4.28
CA TYR A 38 2.46 7.11 -4.52
C TYR A 38 0.98 7.20 -4.89
N GLN A 39 0.57 6.41 -5.87
CA GLN A 39 -0.81 6.39 -6.31
C GLN A 39 -1.45 5.03 -6.08
N VAL A 40 -2.78 4.98 -6.14
CA VAL A 40 -3.51 3.73 -5.93
C VAL A 40 -3.62 2.94 -7.24
N PRO A 41 -3.31 1.65 -7.17
CA PRO A 41 -3.36 0.76 -8.35
C PRO A 41 -4.80 0.49 -8.79
N ALA A 42 -5.15 1.02 -9.96
CA ALA A 42 -6.49 0.84 -10.51
C ALA A 42 -6.89 -0.63 -10.52
N SER A 43 -8.15 -0.89 -10.80
CA SER A 43 -8.66 -2.26 -10.84
C SER A 43 -8.36 -3.00 -9.54
N TYR A 44 -8.55 -2.30 -8.42
CA TYR A 44 -8.29 -2.88 -7.10
C TYR A 44 -9.51 -2.75 -6.21
N GLN A 45 -10.44 -3.70 -6.36
CA GLN A 45 -11.67 -3.69 -5.56
C GLN A 45 -12.22 -5.10 -5.41
N PRO A 46 -12.96 -5.34 -4.32
CA PRO A 46 -13.57 -6.64 -4.04
C PRO A 46 -14.70 -6.97 -4.99
N SER A 47 -15.28 -8.16 -4.83
CA SER A 47 -16.39 -8.59 -5.67
C SER A 47 -17.68 -7.87 -5.30
N GLY A 48 -17.81 -6.63 -5.75
CA GLY A 48 -19.00 -5.84 -5.45
C GLY A 48 -20.00 -5.88 -6.58
N PRO A 49 -21.07 -6.67 -6.40
CA PRO A 49 -22.14 -6.81 -7.41
C PRO A 49 -22.97 -5.54 -7.53
N SER A 50 -23.45 -5.03 -6.40
CA SER A 50 -24.26 -3.82 -6.39
C SER A 50 -23.56 -2.69 -5.66
N SER A 51 -22.26 -2.54 -5.92
CA SER A 51 -21.46 -1.50 -5.28
C SER A 51 -21.71 -1.47 -3.78
N GLY A 52 -21.77 -2.66 -3.17
CA GLY A 52 -22.00 -2.76 -1.74
C GLY A 52 -21.01 -1.91 -0.94
N GLY A 1 8.51 -20.29 -15.48
CA GLY A 1 9.69 -19.48 -15.29
C GLY A 1 9.44 -18.31 -14.35
N SER A 2 10.46 -17.49 -14.13
CA SER A 2 10.35 -16.33 -13.24
C SER A 2 9.54 -15.22 -13.91
N SER A 3 8.23 -15.27 -13.73
CA SER A 3 7.34 -14.27 -14.31
C SER A 3 7.28 -13.03 -13.43
N GLY A 4 7.12 -13.24 -12.13
CA GLY A 4 7.04 -12.14 -11.20
C GLY A 4 6.68 -12.58 -9.79
N SER A 5 7.47 -13.49 -9.25
CA SER A 5 7.23 -14.01 -7.91
C SER A 5 7.45 -12.93 -6.86
N SER A 6 8.55 -12.19 -7.00
CA SER A 6 8.87 -11.12 -6.07
C SER A 6 8.16 -9.83 -6.45
N GLY A 7 7.08 -9.52 -5.73
CA GLY A 7 6.33 -8.31 -6.00
C GLY A 7 5.21 -8.09 -5.01
N PRO A 8 5.57 -7.58 -3.82
CA PRO A 8 4.60 -7.31 -2.74
C PRO A 8 3.68 -6.14 -3.08
N VAL A 9 2.71 -5.89 -2.20
CA VAL A 9 1.76 -4.80 -2.41
C VAL A 9 1.90 -3.75 -1.31
N GLY A 10 1.06 -2.72 -1.38
CA GLY A 10 1.10 -1.66 -0.39
C GLY A 10 2.23 -0.68 -0.63
N TRP A 11 2.05 0.55 -0.15
CA TRP A 11 3.06 1.59 -0.32
C TRP A 11 4.01 1.64 0.87
N GLN A 12 5.30 1.47 0.61
CA GLN A 12 6.31 1.49 1.66
C GLN A 12 6.41 2.88 2.28
N CYS A 13 5.96 3.00 3.53
CA CYS A 13 6.01 4.27 4.24
C CYS A 13 7.29 5.03 3.92
N PRO A 14 7.13 6.28 3.47
CA PRO A 14 8.26 7.15 3.11
C PRO A 14 9.06 7.58 4.33
N GLY A 15 8.70 7.05 5.50
CA GLY A 15 9.39 7.39 6.73
C GLY A 15 9.91 6.17 7.46
N CYS A 16 9.09 5.14 7.53
CA CYS A 16 9.47 3.91 8.22
C CYS A 16 9.53 2.73 7.24
N THR A 17 9.29 3.03 5.97
CA THR A 17 9.31 2.00 4.93
C THR A 17 8.50 0.79 5.33
N PHE A 18 7.34 1.03 5.93
CA PHE A 18 6.46 -0.04 6.37
C PHE A 18 5.40 -0.35 5.31
N ILE A 19 5.75 -1.22 4.37
CA ILE A 19 4.83 -1.61 3.30
C ILE A 19 3.39 -1.60 3.78
N ASN A 20 2.70 -0.48 3.59
CA ASN A 20 1.31 -0.35 4.00
C ASN A 20 0.37 -0.68 2.86
N LYS A 21 -0.66 -1.47 3.16
CA LYS A 21 -1.64 -1.87 2.16
C LYS A 21 -2.05 -0.69 1.28
N PRO A 22 -2.34 -0.97 0.01
CA PRO A 22 -2.75 0.06 -0.96
C PRO A 22 -4.14 0.63 -0.64
N THR A 23 -4.76 0.11 0.41
CA THR A 23 -6.09 0.57 0.81
C THR A 23 -6.01 1.47 2.03
N ARG A 24 -4.89 1.41 2.73
CA ARG A 24 -4.69 2.23 3.93
C ARG A 24 -4.00 3.54 3.58
N PRO A 25 -4.75 4.64 3.64
CA PRO A 25 -4.24 5.99 3.33
C PRO A 25 -3.25 6.48 4.39
N GLY A 26 -2.97 5.64 5.37
CA GLY A 26 -2.03 6.00 6.42
C GLY A 26 -1.10 4.87 6.80
N CYS A 27 -0.14 5.16 7.65
CA CYS A 27 0.82 4.15 8.10
C CYS A 27 0.39 3.53 9.42
N GLU A 28 0.99 2.39 9.77
CA GLU A 28 0.67 1.71 11.01
C GLU A 28 1.77 1.89 12.05
N MET A 29 3.01 1.84 11.58
CA MET A 29 4.17 2.01 12.47
C MET A 29 4.24 3.44 12.99
N CYS A 30 4.71 4.34 12.15
CA CYS A 30 4.85 5.75 12.52
C CYS A 30 3.61 6.54 12.10
N CYS A 31 2.51 5.83 11.89
CA CYS A 31 1.26 6.46 11.48
C CYS A 31 1.53 7.67 10.59
N ARG A 32 2.59 7.59 9.79
CA ARG A 32 2.95 8.69 8.90
C ARG A 32 2.07 8.68 7.65
N ALA A 33 1.30 9.74 7.47
CA ALA A 33 0.41 9.86 6.32
C ALA A 33 1.06 9.27 5.07
N ARG A 34 0.23 8.77 4.15
CA ARG A 34 0.71 8.19 2.92
C ARG A 34 1.21 9.25 1.95
N PRO A 35 2.31 8.96 1.25
CA PRO A 35 2.91 9.89 0.29
C PRO A 35 2.05 10.07 -0.96
N GLU A 36 1.83 11.32 -1.34
CA GLU A 36 1.02 11.63 -2.52
C GLU A 36 1.68 11.09 -3.79
N ALA A 37 2.97 11.41 -3.96
CA ALA A 37 3.71 10.96 -5.13
C ALA A 37 3.33 9.53 -5.51
N TYR A 38 3.40 8.63 -4.55
CA TYR A 38 3.06 7.23 -4.78
C TYR A 38 1.76 7.11 -5.56
N GLN A 39 1.60 5.98 -6.25
CA GLN A 39 0.39 5.74 -7.04
C GLN A 39 -0.28 4.43 -6.61
N VAL A 40 -1.61 4.43 -6.62
CA VAL A 40 -2.37 3.25 -6.23
C VAL A 40 -3.55 3.04 -7.18
N PRO A 41 -3.76 1.77 -7.58
CA PRO A 41 -4.85 1.40 -8.48
C PRO A 41 -6.22 1.51 -7.83
N ALA A 42 -7.01 2.49 -8.26
CA ALA A 42 -8.33 2.71 -7.72
C ALA A 42 -9.16 1.43 -7.75
N SER A 43 -9.31 0.86 -8.94
CA SER A 43 -10.08 -0.38 -9.09
C SER A 43 -9.85 -1.32 -7.91
N TYR A 44 -8.67 -1.22 -7.31
CA TYR A 44 -8.32 -2.07 -6.18
C TYR A 44 -9.28 -1.84 -5.02
N GLN A 45 -9.78 -2.93 -4.44
CA GLN A 45 -10.71 -2.84 -3.32
C GLN A 45 -10.16 -3.60 -2.11
N PRO A 46 -10.57 -3.17 -0.91
CA PRO A 46 -10.14 -3.79 0.35
C PRO A 46 -10.74 -5.17 0.54
N SER A 47 -10.13 -5.96 1.43
CA SER A 47 -10.61 -7.31 1.70
C SER A 47 -12.04 -7.29 2.23
N GLY A 48 -12.30 -6.38 3.17
CA GLY A 48 -13.63 -6.27 3.75
C GLY A 48 -13.89 -7.33 4.81
N PRO A 49 -14.60 -6.94 5.87
CA PRO A 49 -14.93 -7.85 6.98
C PRO A 49 -15.95 -8.91 6.57
N SER A 50 -15.48 -10.16 6.48
CA SER A 50 -16.36 -11.26 6.09
C SER A 50 -16.98 -11.92 7.32
N SER A 51 -16.15 -12.19 8.33
CA SER A 51 -16.62 -12.80 9.55
C SER A 51 -16.14 -12.04 10.78
N GLY A 52 -17.07 -11.74 11.69
CA GLY A 52 -16.71 -11.01 12.90
C GLY A 52 -16.68 -9.51 12.67
N GLY A 1 9.17 -24.68 -14.48
CA GLY A 1 9.12 -23.62 -13.48
C GLY A 1 9.46 -22.26 -14.05
N SER A 2 8.44 -21.49 -14.37
CA SER A 2 8.63 -20.16 -14.94
C SER A 2 7.35 -19.34 -14.85
N SER A 3 7.42 -18.21 -14.14
CA SER A 3 6.27 -17.34 -13.97
C SER A 3 6.71 -15.92 -13.62
N GLY A 4 6.00 -14.93 -14.18
CA GLY A 4 6.34 -13.55 -13.92
C GLY A 4 6.20 -13.19 -12.44
N SER A 5 7.21 -12.52 -11.91
CA SER A 5 7.21 -12.11 -10.51
C SER A 5 6.04 -11.18 -10.21
N SER A 6 5.15 -11.64 -9.34
CA SER A 6 3.97 -10.85 -8.97
C SER A 6 4.37 -9.67 -8.09
N GLY A 7 5.22 -9.93 -7.09
CA GLY A 7 5.66 -8.89 -6.19
C GLY A 7 4.60 -8.52 -5.16
N PRO A 8 5.05 -7.96 -4.02
CA PRO A 8 4.16 -7.56 -2.94
C PRO A 8 3.30 -6.36 -3.32
N VAL A 9 2.47 -5.90 -2.38
CA VAL A 9 1.62 -4.75 -2.61
C VAL A 9 1.72 -3.74 -1.47
N GLY A 10 0.98 -2.65 -1.58
CA GLY A 10 1.01 -1.62 -0.55
C GLY A 10 2.11 -0.61 -0.78
N TRP A 11 1.93 0.59 -0.24
CA TRP A 11 2.92 1.65 -0.38
C TRP A 11 3.87 1.68 0.82
N GLN A 12 5.16 1.57 0.54
CA GLN A 12 6.17 1.59 1.60
C GLN A 12 6.25 2.96 2.25
N CYS A 13 5.87 3.04 3.52
CA CYS A 13 5.90 4.29 4.26
C CYS A 13 7.17 5.07 3.95
N PRO A 14 7.00 6.34 3.56
CA PRO A 14 8.13 7.22 3.21
C PRO A 14 8.95 7.61 4.45
N GLY A 15 8.62 7.01 5.58
CA GLY A 15 9.33 7.31 6.82
C GLY A 15 9.85 6.05 7.50
N CYS A 16 8.98 5.06 7.65
CA CYS A 16 9.34 3.81 8.29
C CYS A 16 9.44 2.68 7.27
N THR A 17 9.16 3.00 6.01
CA THR A 17 9.21 2.02 4.93
C THR A 17 8.41 0.77 5.29
N PHE A 18 7.26 0.98 5.91
CA PHE A 18 6.40 -0.14 6.31
C PHE A 18 5.35 -0.42 5.25
N ILE A 19 5.71 -1.26 4.28
CA ILE A 19 4.80 -1.61 3.20
C ILE A 19 3.36 -1.65 3.69
N ASN A 20 2.66 -0.53 3.54
CA ASN A 20 1.27 -0.43 3.97
C ASN A 20 0.32 -0.78 2.83
N LYS A 21 -0.69 -1.59 3.12
CA LYS A 21 -1.66 -1.99 2.12
C LYS A 21 -2.06 -0.81 1.23
N PRO A 22 -2.35 -1.10 -0.05
CA PRO A 22 -2.74 -0.07 -1.02
C PRO A 22 -4.12 0.50 -0.73
N THR A 23 -4.74 0.03 0.36
CA THR A 23 -6.06 0.51 0.74
C THR A 23 -5.99 1.44 1.93
N ARG A 24 -4.91 1.33 2.70
CA ARG A 24 -4.72 2.18 3.87
C ARG A 24 -3.84 3.37 3.54
N PRO A 25 -4.45 4.56 3.41
CA PRO A 25 -3.74 5.79 3.09
C PRO A 25 -2.87 6.27 4.24
N GLY A 26 -2.82 5.48 5.31
CA GLY A 26 -2.02 5.85 6.46
C GLY A 26 -1.04 4.76 6.85
N CYS A 27 -0.17 5.06 7.82
CA CYS A 27 0.82 4.10 8.28
C CYS A 27 0.42 3.52 9.63
N GLU A 28 1.05 2.40 10.00
CA GLU A 28 0.75 1.74 11.27
C GLU A 28 1.88 1.97 12.27
N MET A 29 3.11 1.92 11.78
CA MET A 29 4.28 2.13 12.64
C MET A 29 4.35 3.58 13.12
N CYS A 30 4.80 4.46 12.23
CA CYS A 30 4.92 5.88 12.56
C CYS A 30 3.68 6.65 12.11
N CYS A 31 2.59 5.92 11.86
CA CYS A 31 1.34 6.54 11.43
C CYS A 31 1.61 7.76 10.57
N ARG A 32 2.67 7.69 9.76
CA ARG A 32 3.04 8.79 8.89
C ARG A 32 2.15 8.82 7.65
N ALA A 33 1.36 9.88 7.50
CA ALA A 33 0.48 10.01 6.35
C ALA A 33 1.12 9.45 5.08
N ARG A 34 0.29 8.94 4.18
CA ARG A 34 0.77 8.37 2.93
C ARG A 34 1.22 9.46 1.97
N PRO A 35 2.34 9.22 1.27
CA PRO A 35 2.90 10.16 0.30
C PRO A 35 2.02 10.31 -0.94
N GLU A 36 1.39 11.47 -1.08
CA GLU A 36 0.52 11.74 -2.23
C GLU A 36 1.15 11.19 -3.52
N ALA A 37 2.44 11.44 -3.68
CA ALA A 37 3.15 10.98 -4.87
C ALA A 37 2.68 9.60 -5.29
N TYR A 38 2.84 8.63 -4.40
CA TYR A 38 2.43 7.26 -4.68
C TYR A 38 1.07 7.22 -5.35
N GLN A 39 0.85 6.22 -6.20
CA GLN A 39 -0.41 6.07 -6.90
C GLN A 39 -1.08 4.74 -6.55
N VAL A 40 -2.41 4.76 -6.50
CA VAL A 40 -3.17 3.56 -6.17
C VAL A 40 -3.58 2.81 -7.44
N PRO A 41 -3.49 1.47 -7.38
CA PRO A 41 -3.84 0.61 -8.52
C PRO A 41 -5.35 0.59 -8.78
N ALA A 42 -5.82 1.50 -9.61
CA ALA A 42 -7.23 1.58 -9.95
C ALA A 42 -7.86 0.21 -10.02
N SER A 43 -7.16 -0.73 -10.64
CA SER A 43 -7.65 -2.10 -10.78
C SER A 43 -7.28 -2.94 -9.56
N TYR A 44 -8.09 -2.83 -8.52
CA TYR A 44 -7.86 -3.58 -7.28
C TYR A 44 -9.11 -4.33 -6.85
N GLN A 45 -9.81 -4.90 -7.82
CA GLN A 45 -11.04 -5.64 -7.53
C GLN A 45 -10.91 -6.42 -6.22
N PRO A 46 -11.48 -5.84 -5.15
CA PRO A 46 -11.44 -6.46 -3.81
C PRO A 46 -12.31 -7.71 -3.73
N SER A 47 -12.35 -8.32 -2.55
CA SER A 47 -13.14 -9.52 -2.34
C SER A 47 -14.61 -9.17 -2.09
N GLY A 48 -15.16 -8.30 -2.94
CA GLY A 48 -16.54 -7.90 -2.79
C GLY A 48 -17.46 -9.07 -2.56
N PRO A 49 -17.87 -9.73 -3.65
CA PRO A 49 -18.77 -10.89 -3.58
C PRO A 49 -18.09 -12.11 -2.97
N SER A 50 -18.86 -13.18 -2.80
CA SER A 50 -18.34 -14.42 -2.21
C SER A 50 -17.60 -14.13 -0.90
N SER A 51 -18.16 -13.24 -0.10
CA SER A 51 -17.55 -12.88 1.18
C SER A 51 -17.85 -13.93 2.25
N GLY A 52 -19.15 -14.18 2.47
CA GLY A 52 -19.54 -15.16 3.46
C GLY A 52 -20.36 -16.29 2.87
N GLY A 1 15.11 -12.21 -12.66
CA GLY A 1 15.48 -12.57 -11.31
C GLY A 1 14.28 -12.93 -10.45
N SER A 2 13.54 -13.95 -10.88
CA SER A 2 12.36 -14.39 -10.16
C SER A 2 12.66 -14.51 -8.66
N SER A 3 13.81 -15.11 -8.34
CA SER A 3 14.20 -15.31 -6.95
C SER A 3 13.87 -14.07 -6.12
N GLY A 4 13.78 -14.26 -4.81
CA GLY A 4 13.47 -13.16 -3.92
C GLY A 4 12.01 -12.77 -3.95
N SER A 5 11.69 -11.69 -4.65
CA SER A 5 10.31 -11.21 -4.75
C SER A 5 9.85 -11.22 -6.20
N SER A 6 8.54 -11.29 -6.40
CA SER A 6 7.96 -11.30 -7.74
C SER A 6 7.20 -10.00 -8.02
N GLY A 7 6.36 -9.60 -7.07
CA GLY A 7 5.60 -8.38 -7.23
C GLY A 7 4.73 -8.07 -6.03
N PRO A 8 5.34 -7.42 -5.01
CA PRO A 8 4.63 -7.06 -3.78
C PRO A 8 3.60 -5.95 -4.00
N VAL A 9 2.91 -5.58 -2.93
CA VAL A 9 1.89 -4.53 -3.02
C VAL A 9 2.00 -3.58 -1.83
N GLY A 10 1.13 -2.57 -1.81
CA GLY A 10 1.13 -1.60 -0.73
C GLY A 10 2.20 -0.54 -0.90
N TRP A 11 1.98 0.63 -0.31
CA TRP A 11 2.94 1.73 -0.41
C TRP A 11 3.88 1.74 0.78
N GLN A 12 5.16 1.61 0.51
CA GLN A 12 6.18 1.60 1.57
C GLN A 12 6.28 2.97 2.23
N CYS A 13 5.89 3.03 3.50
CA CYS A 13 5.94 4.28 4.25
C CYS A 13 7.23 5.05 3.95
N PRO A 14 7.07 6.32 3.55
CA PRO A 14 8.21 7.19 3.22
C PRO A 14 9.01 7.58 4.45
N GLY A 15 8.66 7.00 5.60
CA GLY A 15 9.36 7.30 6.84
C GLY A 15 9.87 6.05 7.52
N CYS A 16 9.00 5.05 7.65
CA CYS A 16 9.38 3.79 8.29
C CYS A 16 9.46 2.66 7.27
N THR A 17 9.19 2.98 6.02
CA THR A 17 9.24 1.99 4.95
C THR A 17 8.43 0.75 5.32
N PHE A 18 7.27 0.97 5.93
CA PHE A 18 6.40 -0.14 6.33
C PHE A 18 5.35 -0.42 5.27
N ILE A 19 5.69 -1.26 4.30
CA ILE A 19 4.78 -1.61 3.22
C ILE A 19 3.34 -1.65 3.72
N ASN A 20 2.64 -0.52 3.58
CA ASN A 20 1.25 -0.43 4.01
C ASN A 20 0.29 -0.74 2.85
N LYS A 21 -0.71 -1.58 3.13
CA LYS A 21 -1.68 -1.96 2.13
C LYS A 21 -2.09 -0.76 1.27
N PRO A 22 -2.43 -1.02 0.01
CA PRO A 22 -2.84 0.03 -0.94
C PRO A 22 -4.20 0.62 -0.59
N THR A 23 -4.89 -0.01 0.35
CA THR A 23 -6.21 0.44 0.77
C THR A 23 -6.11 1.36 1.98
N ARG A 24 -4.97 1.29 2.68
CA ARG A 24 -4.74 2.12 3.86
C ARG A 24 -3.82 3.28 3.54
N PRO A 25 -4.40 4.47 3.34
CA PRO A 25 -3.65 5.69 3.04
C PRO A 25 -2.82 6.18 4.22
N GLY A 26 -2.86 5.42 5.31
CA GLY A 26 -2.11 5.80 6.50
C GLY A 26 -1.14 4.72 6.95
N CYS A 27 -0.16 5.11 7.75
CA CYS A 27 0.83 4.16 8.25
C CYS A 27 0.43 3.59 9.59
N GLU A 28 1.04 2.48 9.98
CA GLU A 28 0.74 1.82 11.24
C GLU A 28 1.86 2.06 12.25
N MET A 29 3.09 1.97 11.79
CA MET A 29 4.25 2.16 12.65
C MET A 29 4.34 3.61 13.12
N CYS A 30 4.80 4.49 12.24
CA CYS A 30 4.93 5.91 12.56
C CYS A 30 3.69 6.68 12.13
N CYS A 31 2.59 5.96 11.89
CA CYS A 31 1.35 6.58 11.46
C CYS A 31 1.62 7.81 10.60
N ARG A 32 2.66 7.72 9.78
CA ARG A 32 3.02 8.83 8.89
C ARG A 32 2.17 8.82 7.63
N ALA A 33 1.29 9.81 7.51
CA ALA A 33 0.41 9.92 6.36
C ALA A 33 1.10 9.40 5.09
N ARG A 34 0.33 8.80 4.21
CA ARG A 34 0.87 8.26 2.96
C ARG A 34 1.25 9.38 2.00
N PRO A 35 2.35 9.17 1.27
CA PRO A 35 2.85 10.16 0.31
C PRO A 35 1.96 10.29 -0.91
N GLU A 36 1.91 11.48 -1.48
CA GLU A 36 1.08 11.74 -2.66
C GLU A 36 1.68 11.08 -3.89
N ALA A 37 2.99 11.19 -4.04
CA ALA A 37 3.69 10.61 -5.18
C ALA A 37 3.08 9.25 -5.56
N TYR A 38 2.88 8.41 -4.55
CA TYR A 38 2.31 7.08 -4.78
C TYR A 38 0.86 7.19 -5.23
N GLN A 39 0.40 6.18 -5.98
CA GLN A 39 -0.97 6.16 -6.48
C GLN A 39 -1.62 4.81 -6.19
N VAL A 40 -2.94 4.75 -6.39
CA VAL A 40 -3.70 3.52 -6.14
C VAL A 40 -3.97 2.78 -7.45
N PRO A 41 -3.66 1.48 -7.47
CA PRO A 41 -3.86 0.63 -8.65
C PRO A 41 -5.34 0.38 -8.93
N ALA A 42 -5.62 -0.34 -10.02
CA ALA A 42 -6.99 -0.65 -10.40
C ALA A 42 -7.42 -2.01 -9.86
N SER A 43 -6.60 -3.02 -10.14
CA SER A 43 -6.90 -4.38 -9.70
C SER A 43 -7.57 -4.37 -8.34
N TYR A 44 -6.99 -3.65 -7.40
CA TYR A 44 -7.53 -3.54 -6.04
C TYR A 44 -8.92 -2.92 -6.06
N GLN A 45 -9.05 -1.79 -6.77
CA GLN A 45 -10.32 -1.09 -6.86
C GLN A 45 -10.35 -0.19 -8.10
N PRO A 46 -11.56 0.02 -8.65
CA PRO A 46 -11.75 0.85 -9.84
C PRO A 46 -11.52 2.32 -9.55
N SER A 47 -11.84 3.17 -10.53
CA SER A 47 -11.66 4.61 -10.39
C SER A 47 -12.61 5.17 -9.33
N GLY A 48 -13.91 5.09 -9.61
CA GLY A 48 -14.90 5.58 -8.68
C GLY A 48 -15.54 6.87 -9.16
N PRO A 49 -15.13 8.00 -8.55
CA PRO A 49 -15.65 9.33 -8.90
C PRO A 49 -15.20 9.78 -10.28
N SER A 50 -14.41 8.94 -10.95
CA SER A 50 -13.91 9.26 -12.28
C SER A 50 -14.92 8.87 -13.35
N SER A 51 -15.84 9.79 -13.64
CA SER A 51 -16.87 9.54 -14.64
C SER A 51 -17.36 10.84 -15.26
N GLY A 52 -17.67 10.81 -16.55
CA GLY A 52 -18.14 12.01 -17.23
C GLY A 52 -17.03 12.99 -17.51
N GLY A 1 21.70 -8.77 -8.82
CA GLY A 1 20.82 -9.39 -9.79
C GLY A 1 19.95 -10.47 -9.16
N SER A 2 18.69 -10.14 -8.93
CA SER A 2 17.75 -11.08 -8.32
C SER A 2 16.70 -11.52 -9.33
N SER A 3 16.30 -12.79 -9.24
CA SER A 3 15.30 -13.35 -10.15
C SER A 3 13.93 -12.69 -9.93
N GLY A 4 13.44 -12.81 -8.69
CA GLY A 4 12.15 -12.23 -8.37
C GLY A 4 12.26 -10.84 -7.79
N SER A 5 11.17 -10.07 -7.84
CA SER A 5 11.16 -8.72 -7.32
C SER A 5 10.85 -8.71 -5.83
N SER A 6 11.61 -7.89 -5.09
CA SER A 6 11.43 -7.79 -3.64
C SER A 6 10.57 -6.59 -3.29
N GLY A 7 9.37 -6.87 -2.77
CA GLY A 7 8.47 -5.79 -2.39
C GLY A 7 7.04 -6.08 -2.77
N PRO A 8 6.25 -6.59 -1.80
CA PRO A 8 4.84 -6.92 -2.03
C PRO A 8 3.98 -5.68 -2.21
N VAL A 9 2.68 -5.89 -2.35
CA VAL A 9 1.73 -4.78 -2.53
C VAL A 9 1.86 -3.77 -1.41
N GLY A 10 1.06 -2.71 -1.49
CA GLY A 10 1.09 -1.67 -0.47
C GLY A 10 2.16 -0.64 -0.73
N TRP A 11 1.97 0.56 -0.20
CA TRP A 11 2.93 1.64 -0.39
C TRP A 11 3.89 1.72 0.79
N GLN A 12 5.17 1.50 0.52
CA GLN A 12 6.20 1.54 1.55
C GLN A 12 6.27 2.92 2.20
N CYS A 13 5.92 2.99 3.48
CA CYS A 13 5.94 4.25 4.21
C CYS A 13 7.20 5.04 3.89
N PRO A 14 7.02 6.30 3.48
CA PRO A 14 8.14 7.19 3.15
C PRO A 14 8.95 7.60 4.37
N GLY A 15 8.62 7.02 5.52
CA GLY A 15 9.33 7.34 6.74
C GLY A 15 9.85 6.10 7.45
N CYS A 16 8.99 5.10 7.62
CA CYS A 16 9.36 3.86 8.27
C CYS A 16 9.44 2.72 7.28
N THR A 17 9.20 3.02 6.02
CA THR A 17 9.25 2.02 4.96
C THR A 17 8.44 0.78 5.34
N PHE A 18 7.26 1.00 5.92
CA PHE A 18 6.40 -0.11 6.33
C PHE A 18 5.34 -0.40 5.27
N ILE A 19 5.70 -1.25 4.30
CA ILE A 19 4.79 -1.61 3.23
C ILE A 19 3.34 -1.64 3.72
N ASN A 20 2.64 -0.51 3.55
CA ASN A 20 1.25 -0.42 3.97
C ASN A 20 0.31 -0.74 2.82
N LYS A 21 -0.69 -1.58 3.09
CA LYS A 21 -1.65 -1.97 2.08
C LYS A 21 -2.05 -0.77 1.22
N PRO A 22 -2.36 -1.04 -0.06
CA PRO A 22 -2.76 0.00 -1.01
C PRO A 22 -4.15 0.57 -0.70
N THR A 23 -4.78 0.03 0.34
CA THR A 23 -6.11 0.48 0.74
C THR A 23 -6.03 1.40 1.95
N ARG A 24 -4.91 1.34 2.66
CA ARG A 24 -4.71 2.18 3.85
C ARG A 24 -3.82 3.37 3.52
N PRO A 25 -4.44 4.55 3.36
CA PRO A 25 -3.72 5.79 3.05
C PRO A 25 -2.87 6.28 4.22
N GLY A 26 -2.84 5.50 5.29
CA GLY A 26 -2.07 5.87 6.47
C GLY A 26 -1.10 4.78 6.88
N CYS A 27 -0.17 5.12 7.76
CA CYS A 27 0.83 4.17 8.24
C CYS A 27 0.41 3.58 9.58
N GLU A 28 1.02 2.47 9.95
CA GLU A 28 0.72 1.80 11.22
C GLU A 28 1.83 2.02 12.23
N MET A 29 3.08 1.91 11.76
CA MET A 29 4.24 2.09 12.63
C MET A 29 4.34 3.53 13.10
N CYS A 30 4.80 4.41 12.21
CA CYS A 30 4.95 5.83 12.54
C CYS A 30 3.71 6.61 12.15
N CYS A 31 2.61 5.90 11.93
CA CYS A 31 1.35 6.52 11.55
C CYS A 31 1.60 7.74 10.67
N ARG A 32 2.65 7.68 9.85
CA ARG A 32 3.00 8.78 8.96
C ARG A 32 2.11 8.78 7.71
N ALA A 33 1.34 9.85 7.55
CA ALA A 33 0.45 9.97 6.40
C ALA A 33 1.10 9.42 5.13
N ARG A 34 0.28 8.90 4.23
CA ARG A 34 0.77 8.33 2.98
C ARG A 34 1.23 9.43 2.03
N PRO A 35 2.33 9.17 1.31
CA PRO A 35 2.90 10.13 0.36
C PRO A 35 2.02 10.31 -0.88
N GLU A 36 1.67 11.56 -1.17
CA GLU A 36 0.83 11.86 -2.32
C GLU A 36 1.44 11.28 -3.60
N ALA A 37 2.70 11.60 -3.85
CA ALA A 37 3.40 11.11 -5.04
C ALA A 37 2.92 9.72 -5.41
N TYR A 38 2.93 8.81 -4.44
CA TYR A 38 2.50 7.44 -4.67
C TYR A 38 1.22 7.39 -5.49
N GLN A 39 0.95 6.25 -6.10
CA GLN A 39 -0.25 6.07 -6.92
C GLN A 39 -0.92 4.74 -6.62
N VAL A 40 -2.22 4.79 -6.35
CA VAL A 40 -2.99 3.59 -6.04
C VAL A 40 -4.04 3.31 -7.12
N PRO A 41 -4.00 2.09 -7.68
CA PRO A 41 -4.94 1.67 -8.73
C PRO A 41 -6.37 1.51 -8.20
N ALA A 42 -7.28 2.33 -8.71
CA ALA A 42 -8.67 2.28 -8.29
C ALA A 42 -9.27 0.90 -8.58
N SER A 43 -8.93 0.33 -9.73
CA SER A 43 -9.44 -0.97 -10.12
C SER A 43 -8.68 -2.08 -9.41
N TYR A 44 -8.55 -1.95 -8.09
CA TYR A 44 -7.84 -2.94 -7.30
C TYR A 44 -8.68 -3.38 -6.10
N GLN A 45 -9.98 -3.52 -6.32
CA GLN A 45 -10.90 -3.93 -5.26
C GLN A 45 -10.97 -5.44 -5.15
N PRO A 46 -11.01 -5.96 -3.92
CA PRO A 46 -11.07 -7.40 -3.65
C PRO A 46 -12.42 -7.99 -4.05
N SER A 47 -12.61 -9.27 -3.73
CA SER A 47 -13.85 -9.96 -4.06
C SER A 47 -14.91 -9.72 -2.97
N GLY A 48 -14.90 -8.51 -2.42
CA GLY A 48 -15.86 -8.17 -1.39
C GLY A 48 -16.15 -9.33 -0.46
N PRO A 49 -15.21 -9.63 0.44
CA PRO A 49 -15.34 -10.72 1.41
C PRO A 49 -16.40 -10.43 2.47
N SER A 50 -16.43 -9.20 2.95
CA SER A 50 -17.39 -8.80 3.97
C SER A 50 -18.49 -7.92 3.37
N SER A 51 -19.68 -8.03 3.93
CA SER A 51 -20.82 -7.25 3.45
C SER A 51 -21.11 -6.07 4.37
N GLY A 52 -20.74 -4.87 3.92
CA GLY A 52 -20.95 -3.68 4.72
C GLY A 52 -19.72 -3.28 5.52
N GLY A 1 11.89 -25.18 -16.45
CA GLY A 1 11.13 -24.35 -15.54
C GLY A 1 11.82 -23.01 -15.25
N SER A 2 11.03 -21.96 -15.14
CA SER A 2 11.57 -20.63 -14.87
C SER A 2 10.51 -19.73 -14.23
N SER A 3 10.72 -19.37 -12.97
CA SER A 3 9.78 -18.52 -12.24
C SER A 3 10.50 -17.69 -11.19
N GLY A 4 10.30 -16.37 -11.25
CA GLY A 4 10.95 -15.49 -10.29
C GLY A 4 10.02 -14.38 -9.82
N SER A 5 8.99 -14.75 -9.08
CA SER A 5 8.03 -13.78 -8.57
C SER A 5 8.70 -12.79 -7.62
N SER A 6 8.67 -11.51 -7.97
CA SER A 6 9.28 -10.47 -7.15
C SER A 6 8.54 -9.15 -7.33
N GLY A 7 8.16 -8.53 -6.21
CA GLY A 7 7.46 -7.27 -6.26
C GLY A 7 6.14 -7.31 -5.52
N PRO A 8 6.19 -7.07 -4.20
CA PRO A 8 5.00 -7.08 -3.34
C PRO A 8 4.08 -5.89 -3.62
N VAL A 9 3.02 -5.78 -2.83
CA VAL A 9 2.07 -4.69 -2.98
C VAL A 9 2.11 -3.75 -1.79
N GLY A 10 1.30 -2.68 -1.84
CA GLY A 10 1.26 -1.72 -0.76
C GLY A 10 2.32 -0.65 -0.90
N TRP A 11 2.04 0.53 -0.35
CA TRP A 11 2.98 1.65 -0.41
C TRP A 11 3.91 1.65 0.80
N GLN A 12 5.21 1.55 0.54
CA GLN A 12 6.20 1.54 1.61
C GLN A 12 6.31 2.92 2.25
N CYS A 13 5.89 3.01 3.51
CA CYS A 13 5.93 4.26 4.24
C CYS A 13 7.20 5.04 3.92
N PRO A 14 7.04 6.31 3.52
CA PRO A 14 8.17 7.19 3.18
C PRO A 14 9.00 7.57 4.39
N GLY A 15 8.67 6.98 5.54
CA GLY A 15 9.41 7.28 6.75
C GLY A 15 9.94 6.02 7.42
N CYS A 16 9.07 5.04 7.61
CA CYS A 16 9.46 3.78 8.25
C CYS A 16 9.47 2.64 7.23
N THR A 17 9.26 2.98 5.97
CA THR A 17 9.24 1.98 4.90
C THR A 17 8.40 0.78 5.29
N PHE A 18 7.29 1.03 5.97
CA PHE A 18 6.39 -0.04 6.39
C PHE A 18 5.35 -0.34 5.33
N ILE A 19 5.68 -1.24 4.41
CA ILE A 19 4.76 -1.61 3.34
C ILE A 19 3.31 -1.59 3.81
N ASN A 20 2.62 -0.50 3.52
CA ASN A 20 1.21 -0.35 3.92
C ASN A 20 0.29 -0.69 2.76
N LYS A 21 -0.71 -1.52 3.04
CA LYS A 21 -1.68 -1.92 2.02
C LYS A 21 -2.10 -0.73 1.17
N PRO A 22 -2.43 -1.00 -0.10
CA PRO A 22 -2.86 0.04 -1.04
C PRO A 22 -4.25 0.60 -0.69
N THR A 23 -4.85 0.06 0.36
CA THR A 23 -6.17 0.50 0.79
C THR A 23 -6.07 1.41 2.02
N ARG A 24 -4.94 1.31 2.72
CA ARG A 24 -4.72 2.13 3.91
C ARG A 24 -3.85 3.33 3.59
N PRO A 25 -4.49 4.50 3.45
CA PRO A 25 -3.78 5.76 3.14
C PRO A 25 -2.94 6.25 4.32
N GLY A 26 -2.88 5.45 5.37
CA GLY A 26 -2.10 5.82 6.54
C GLY A 26 -1.14 4.73 6.97
N CYS A 27 -0.17 5.09 7.81
CA CYS A 27 0.81 4.14 8.29
C CYS A 27 0.41 3.57 9.65
N GLU A 28 1.03 2.46 10.02
CA GLU A 28 0.73 1.81 11.30
C GLU A 28 1.85 2.05 12.31
N MET A 29 3.09 1.97 11.82
CA MET A 29 4.25 2.17 12.69
C MET A 29 4.34 3.63 13.15
N CYS A 30 4.79 4.50 12.25
CA CYS A 30 4.93 5.92 12.56
C CYS A 30 3.67 6.68 12.16
N CYS A 31 2.58 5.95 11.93
CA CYS A 31 1.32 6.56 11.53
C CYS A 31 1.56 7.74 10.60
N ARG A 32 2.64 7.67 9.82
CA ARG A 32 2.98 8.73 8.89
C ARG A 32 2.04 8.70 7.67
N ALA A 33 1.34 9.80 7.46
CA ALA A 33 0.42 9.91 6.34
C ALA A 33 1.07 9.44 5.03
N ARG A 34 0.28 8.85 4.15
CA ARG A 34 0.78 8.36 2.88
C ARG A 34 1.28 9.51 2.01
N PRO A 35 2.40 9.29 1.33
CA PRO A 35 3.00 10.30 0.45
C PRO A 35 2.18 10.55 -0.80
N GLU A 36 2.17 11.79 -1.27
CA GLU A 36 1.41 12.15 -2.47
C GLU A 36 1.95 11.41 -3.69
N ALA A 37 3.25 11.48 -3.90
CA ALA A 37 3.88 10.82 -5.04
C ALA A 37 3.18 9.51 -5.37
N TYR A 38 3.21 8.58 -4.42
CA TYR A 38 2.58 7.28 -4.60
C TYR A 38 1.11 7.43 -5.00
N GLN A 39 0.66 6.60 -5.92
CA GLN A 39 -0.73 6.64 -6.39
C GLN A 39 -1.39 5.27 -6.25
N VAL A 40 -2.68 5.29 -5.90
CA VAL A 40 -3.43 4.05 -5.73
C VAL A 40 -4.11 3.64 -7.03
N PRO A 41 -4.03 2.34 -7.36
CA PRO A 41 -4.62 1.79 -8.58
C PRO A 41 -6.15 1.78 -8.52
N ALA A 42 -6.78 1.72 -9.70
CA ALA A 42 -8.24 1.70 -9.77
C ALA A 42 -8.76 0.27 -9.92
N SER A 43 -9.96 0.03 -9.39
CA SER A 43 -10.57 -1.30 -9.46
C SER A 43 -9.59 -2.36 -8.98
N TYR A 44 -8.88 -2.07 -7.90
CA TYR A 44 -7.91 -3.01 -7.34
C TYR A 44 -8.61 -4.05 -6.47
N GLN A 45 -9.48 -3.58 -5.59
CA GLN A 45 -10.22 -4.47 -4.70
C GLN A 45 -11.73 -4.32 -4.89
N PRO A 46 -12.37 -5.39 -5.37
CA PRO A 46 -13.82 -5.40 -5.62
C PRO A 46 -14.63 -5.38 -4.32
N SER A 47 -15.95 -5.32 -4.45
CA SER A 47 -16.82 -5.29 -3.29
C SER A 47 -16.38 -6.32 -2.25
N GLY A 48 -16.01 -7.51 -2.72
CA GLY A 48 -15.58 -8.56 -1.82
C GLY A 48 -16.63 -8.90 -0.77
N PRO A 49 -16.32 -9.89 0.08
CA PRO A 49 -17.23 -10.33 1.15
C PRO A 49 -17.37 -9.28 2.25
N SER A 50 -18.53 -8.61 2.26
CA SER A 50 -18.79 -7.58 3.26
C SER A 50 -19.47 -8.18 4.49
N SER A 51 -19.33 -7.51 5.62
CA SER A 51 -19.93 -7.97 6.87
C SER A 51 -21.31 -7.35 7.08
N GLY A 52 -22.18 -8.07 7.77
CA GLY A 52 -23.52 -7.57 8.03
C GLY A 52 -23.97 -7.84 9.45
N GLY A 1 23.49 -14.66 0.76
CA GLY A 1 22.15 -15.15 0.96
C GLY A 1 21.25 -14.91 -0.24
N SER A 2 20.38 -13.92 -0.14
CA SER A 2 19.46 -13.58 -1.22
C SER A 2 19.21 -12.08 -1.28
N SER A 3 18.55 -11.64 -2.35
CA SER A 3 18.23 -10.22 -2.52
C SER A 3 16.76 -10.02 -2.84
N GLY A 4 16.20 -8.93 -2.32
CA GLY A 4 14.79 -8.64 -2.55
C GLY A 4 14.59 -7.51 -3.54
N SER A 5 14.91 -7.76 -4.80
CA SER A 5 14.77 -6.75 -5.85
C SER A 5 13.30 -6.40 -6.07
N SER A 6 12.46 -7.43 -6.12
CA SER A 6 11.03 -7.22 -6.33
C SER A 6 10.32 -6.91 -5.01
N GLY A 7 9.36 -6.00 -5.07
CA GLY A 7 8.63 -5.62 -3.88
C GLY A 7 7.15 -5.96 -3.97
N PRO A 8 6.55 -6.36 -2.85
CA PRO A 8 5.13 -6.72 -2.79
C PRO A 8 4.22 -5.51 -2.95
N VAL A 9 2.91 -5.73 -2.88
CA VAL A 9 1.95 -4.65 -3.01
C VAL A 9 2.02 -3.69 -1.83
N GLY A 10 1.19 -2.66 -1.85
CA GLY A 10 1.18 -1.69 -0.77
C GLY A 10 2.22 -0.60 -0.96
N TRP A 11 2.01 0.54 -0.31
CA TRP A 11 2.94 1.66 -0.41
C TRP A 11 3.88 1.70 0.79
N GLN A 12 5.17 1.55 0.52
CA GLN A 12 6.18 1.57 1.57
C GLN A 12 6.26 2.95 2.23
N CYS A 13 5.93 3.01 3.51
CA CYS A 13 5.96 4.27 4.25
C CYS A 13 7.23 5.05 3.93
N PRO A 14 7.06 6.32 3.53
CA PRO A 14 8.19 7.19 3.18
C PRO A 14 9.01 7.58 4.41
N GLY A 15 8.67 7.00 5.55
CA GLY A 15 9.38 7.31 6.78
C GLY A 15 9.91 6.07 7.47
N CYS A 16 9.06 5.05 7.58
CA CYS A 16 9.45 3.80 8.23
C CYS A 16 9.47 2.66 7.22
N THR A 17 9.24 2.98 5.95
CA THR A 17 9.24 1.99 4.89
C THR A 17 8.41 0.77 5.28
N PHE A 18 7.30 1.01 5.96
CA PHE A 18 6.41 -0.06 6.39
C PHE A 18 5.34 -0.35 5.33
N ILE A 19 5.68 -1.21 4.38
CA ILE A 19 4.75 -1.57 3.31
C ILE A 19 3.31 -1.58 3.82
N ASN A 20 2.62 -0.46 3.60
CA ASN A 20 1.22 -0.33 4.03
C ASN A 20 0.27 -0.65 2.89
N LYS A 21 -0.73 -1.48 3.18
CA LYS A 21 -1.71 -1.87 2.17
C LYS A 21 -2.09 -0.68 1.29
N PRO A 22 -2.43 -0.97 0.02
CA PRO A 22 -2.82 0.06 -0.94
C PRO A 22 -4.17 0.69 -0.62
N THR A 23 -4.90 0.06 0.30
CA THR A 23 -6.21 0.55 0.70
C THR A 23 -6.10 1.48 1.91
N ARG A 24 -5.02 1.34 2.67
CA ARG A 24 -4.80 2.16 3.84
C ARG A 24 -3.82 3.29 3.54
N PRO A 25 -4.35 4.50 3.31
CA PRO A 25 -3.54 5.68 3.01
C PRO A 25 -2.74 6.15 4.21
N GLY A 26 -2.82 5.41 5.31
CA GLY A 26 -2.10 5.76 6.51
C GLY A 26 -1.12 4.69 6.95
N CYS A 27 -0.15 5.07 7.76
CA CYS A 27 0.85 4.13 8.26
C CYS A 27 0.44 3.56 9.61
N GLU A 28 1.06 2.45 9.99
CA GLU A 28 0.75 1.79 11.26
C GLU A 28 1.87 2.03 12.28
N MET A 29 3.11 1.97 11.80
CA MET A 29 4.27 2.17 12.67
C MET A 29 4.34 3.62 13.13
N CYS A 30 4.81 4.50 12.25
CA CYS A 30 4.93 5.92 12.56
C CYS A 30 3.67 6.68 12.16
N CYS A 31 2.58 5.95 11.96
CA CYS A 31 1.31 6.55 11.57
C CYS A 31 1.55 7.76 10.67
N ARG A 32 2.58 7.69 9.85
CA ARG A 32 2.92 8.78 8.93
C ARG A 32 2.04 8.73 7.69
N ALA A 33 1.26 9.79 7.48
CA ALA A 33 0.37 9.87 6.33
C ALA A 33 1.05 9.33 5.08
N ARG A 34 0.27 8.73 4.18
CA ARG A 34 0.80 8.17 2.95
C ARG A 34 1.19 9.29 1.98
N PRO A 35 2.32 9.10 1.28
CA PRO A 35 2.83 10.08 0.31
C PRO A 35 1.95 10.17 -0.94
N GLU A 36 1.94 11.34 -1.57
CA GLU A 36 1.15 11.54 -2.78
C GLU A 36 1.84 10.93 -3.99
N ALA A 37 3.14 11.12 -4.08
CA ALA A 37 3.91 10.59 -5.20
C ALA A 37 3.40 9.22 -5.62
N TYR A 38 3.35 8.29 -4.68
CA TYR A 38 2.88 6.94 -4.95
C TYR A 38 1.49 6.97 -5.58
N GLN A 39 1.13 5.87 -6.23
CA GLN A 39 -0.17 5.77 -6.88
C GLN A 39 -0.82 4.41 -6.62
N VAL A 40 -2.13 4.39 -6.46
CA VAL A 40 -2.87 3.16 -6.20
C VAL A 40 -3.09 2.38 -7.48
N PRO A 41 -2.82 1.07 -7.43
CA PRO A 41 -2.99 0.17 -8.59
C PRO A 41 -4.46 -0.04 -8.94
N ALA A 42 -4.79 0.14 -10.22
CA ALA A 42 -6.15 -0.05 -10.69
C ALA A 42 -6.53 -1.52 -10.75
N SER A 43 -5.67 -2.31 -11.38
CA SER A 43 -5.91 -3.75 -11.52
C SER A 43 -5.46 -4.49 -10.26
N TYR A 44 -5.70 -3.88 -9.11
CA TYR A 44 -5.31 -4.49 -7.84
C TYR A 44 -6.51 -5.14 -7.15
N GLN A 45 -7.66 -4.46 -7.23
CA GLN A 45 -8.88 -4.96 -6.61
C GLN A 45 -9.27 -6.32 -7.20
N PRO A 46 -9.60 -7.27 -6.33
CA PRO A 46 -10.00 -8.63 -6.74
C PRO A 46 -11.35 -8.64 -7.42
N SER A 47 -11.90 -7.46 -7.67
CA SER A 47 -13.21 -7.35 -8.31
C SER A 47 -14.33 -7.70 -7.33
N GLY A 48 -14.32 -7.04 -6.18
CA GLY A 48 -15.34 -7.30 -5.18
C GLY A 48 -16.56 -6.41 -5.35
N PRO A 49 -17.18 -6.02 -4.23
CA PRO A 49 -18.36 -5.16 -4.24
C PRO A 49 -18.06 -3.74 -4.68
N SER A 50 -19.10 -2.97 -4.95
CA SER A 50 -18.94 -1.58 -5.38
C SER A 50 -17.79 -0.91 -4.65
N SER A 51 -17.73 -1.12 -3.34
CA SER A 51 -16.68 -0.54 -2.52
C SER A 51 -16.64 -1.19 -1.14
N GLY A 52 -15.43 -1.38 -0.61
CA GLY A 52 -15.28 -1.99 0.69
C GLY A 52 -14.40 -1.18 1.62
N GLY A 1 4.74 -2.98 -17.38
CA GLY A 1 5.59 -2.18 -16.51
C GLY A 1 6.80 -1.61 -17.24
N SER A 2 6.89 -0.29 -17.28
CA SER A 2 8.00 0.37 -17.95
C SER A 2 9.33 -0.25 -17.54
N SER A 3 9.58 -0.30 -16.24
CA SER A 3 10.82 -0.87 -15.72
C SER A 3 10.76 -1.03 -14.20
N GLY A 4 11.67 -1.81 -13.65
CA GLY A 4 11.70 -2.02 -12.22
C GLY A 4 11.42 -3.47 -11.83
N SER A 5 11.52 -3.77 -10.54
CA SER A 5 11.28 -5.12 -10.06
C SER A 5 9.85 -5.27 -9.57
N SER A 6 9.39 -6.52 -9.47
CA SER A 6 8.04 -6.81 -9.02
C SER A 6 8.05 -7.38 -7.60
N GLY A 7 7.68 -6.55 -6.63
CA GLY A 7 7.65 -6.99 -5.25
C GLY A 7 6.24 -7.09 -4.71
N PRO A 8 6.11 -7.00 -3.38
CA PRO A 8 4.81 -7.08 -2.70
C PRO A 8 3.95 -5.85 -2.96
N VAL A 9 2.71 -5.88 -2.47
CA VAL A 9 1.79 -4.77 -2.65
C VAL A 9 1.89 -3.77 -1.51
N GLY A 10 1.11 -2.70 -1.58
CA GLY A 10 1.13 -1.69 -0.54
C GLY A 10 2.20 -0.64 -0.78
N TRP A 11 1.99 0.56 -0.24
CA TRP A 11 2.94 1.64 -0.39
C TRP A 11 3.90 1.70 0.80
N GLN A 12 5.19 1.52 0.54
CA GLN A 12 6.20 1.54 1.58
C GLN A 12 6.28 2.93 2.22
N CYS A 13 5.96 3.00 3.51
CA CYS A 13 5.99 4.26 4.24
C CYS A 13 7.26 5.04 3.92
N PRO A 14 7.08 6.31 3.51
CA PRO A 14 8.21 7.19 3.16
C PRO A 14 9.02 7.60 4.38
N GLY A 15 8.68 7.02 5.52
CA GLY A 15 9.40 7.35 6.76
C GLY A 15 9.92 6.10 7.45
N CYS A 16 9.07 5.10 7.59
CA CYS A 16 9.46 3.85 8.25
C CYS A 16 9.49 2.69 7.25
N THR A 17 9.25 3.02 5.98
CA THR A 17 9.25 2.00 4.93
C THR A 17 8.42 0.79 5.33
N PHE A 18 7.28 1.06 5.98
CA PHE A 18 6.39 -0.01 6.41
C PHE A 18 5.35 -0.32 5.34
N ILE A 19 5.70 -1.21 4.41
CA ILE A 19 4.80 -1.59 3.33
C ILE A 19 3.35 -1.56 3.80
N ASN A 20 2.67 -0.44 3.54
CA ASN A 20 1.28 -0.28 3.94
C ASN A 20 0.34 -0.67 2.80
N LYS A 21 -0.66 -1.48 3.11
CA LYS A 21 -1.63 -1.93 2.12
C LYS A 21 -2.07 -0.77 1.22
N PRO A 22 -2.37 -1.08 -0.04
CA PRO A 22 -2.81 -0.08 -1.02
C PRO A 22 -4.21 0.46 -0.71
N THR A 23 -4.78 0.01 0.40
CA THR A 23 -6.11 0.45 0.82
C THR A 23 -6.03 1.41 2.00
N ARG A 24 -4.95 1.31 2.76
CA ARG A 24 -4.76 2.17 3.93
C ARG A 24 -3.93 3.39 3.56
N PRO A 25 -4.60 4.55 3.48
CA PRO A 25 -3.94 5.83 3.13
C PRO A 25 -3.03 6.32 4.25
N GLY A 26 -2.90 5.52 5.30
CA GLY A 26 -2.05 5.91 6.42
C GLY A 26 -1.10 4.80 6.83
N CYS A 27 -0.18 5.11 7.73
CA CYS A 27 0.80 4.14 8.20
C CYS A 27 0.38 3.55 9.54
N GLU A 28 0.98 2.42 9.89
CA GLU A 28 0.66 1.76 11.15
C GLU A 28 1.78 1.95 12.17
N MET A 29 3.02 1.87 11.70
CA MET A 29 4.18 2.04 12.56
C MET A 29 4.29 3.48 13.06
N CYS A 30 4.77 4.37 12.19
CA CYS A 30 4.91 5.77 12.54
C CYS A 30 3.67 6.57 12.13
N CYS A 31 2.58 5.86 11.90
CA CYS A 31 1.33 6.51 11.49
C CYS A 31 1.60 7.73 10.63
N ARG A 32 2.64 7.65 9.80
CA ARG A 32 3.01 8.74 8.92
C ARG A 32 2.13 8.77 7.68
N ALA A 33 1.37 9.84 7.52
CA ALA A 33 0.48 9.98 6.37
C ALA A 33 1.13 9.44 5.10
N ARG A 34 0.31 8.90 4.21
CA ARG A 34 0.80 8.35 2.95
C ARG A 34 1.31 9.45 2.03
N PRO A 35 2.43 9.18 1.34
CA PRO A 35 3.04 10.14 0.41
C PRO A 35 2.20 10.34 -0.85
N GLU A 36 1.94 11.60 -1.18
CA GLU A 36 1.15 11.92 -2.36
C GLU A 36 1.80 11.36 -3.63
N ALA A 37 3.11 11.57 -3.75
CA ALA A 37 3.86 11.08 -4.90
C ALA A 37 3.36 9.72 -5.35
N TYR A 38 3.26 8.79 -4.40
CA TYR A 38 2.80 7.44 -4.70
C TYR A 38 1.38 7.47 -5.27
N GLN A 39 1.01 6.38 -5.95
CA GLN A 39 -0.32 6.28 -6.55
C GLN A 39 -1.00 4.99 -6.12
N VAL A 40 -2.31 5.08 -5.87
CA VAL A 40 -3.09 3.92 -5.46
C VAL A 40 -4.31 3.72 -6.36
N PRO A 41 -4.58 2.46 -6.72
CA PRO A 41 -5.72 2.11 -7.57
C PRO A 41 -7.06 2.30 -6.86
N ALA A 42 -7.79 3.34 -7.25
CA ALA A 42 -9.08 3.63 -6.65
C ALA A 42 -9.99 2.40 -6.70
N SER A 43 -10.04 1.75 -7.85
CA SER A 43 -10.88 0.57 -8.02
C SER A 43 -10.19 -0.68 -7.46
N TYR A 44 -9.59 -0.54 -6.28
CA TYR A 44 -8.89 -1.64 -5.64
C TYR A 44 -9.87 -2.58 -4.94
N GLN A 45 -10.63 -2.03 -3.99
CA GLN A 45 -11.61 -2.82 -3.24
C GLN A 45 -13.00 -2.20 -3.36
N PRO A 46 -13.92 -2.91 -4.03
CA PRO A 46 -15.29 -2.45 -4.21
C PRO A 46 -16.09 -2.46 -2.92
N SER A 47 -17.36 -2.08 -3.00
CA SER A 47 -18.23 -2.04 -1.83
C SER A 47 -17.97 -3.24 -0.92
N GLY A 48 -17.90 -4.43 -1.52
CA GLY A 48 -17.65 -5.63 -0.75
C GLY A 48 -18.94 -6.35 -0.39
N PRO A 49 -18.82 -7.65 -0.09
CA PRO A 49 -19.97 -8.48 0.30
C PRO A 49 -20.54 -8.11 1.66
N SER A 50 -19.69 -7.51 2.50
CA SER A 50 -20.10 -7.10 3.83
C SER A 50 -19.06 -6.19 4.47
N SER A 51 -19.52 -5.07 5.02
CA SER A 51 -18.63 -4.11 5.66
C SER A 51 -18.90 -4.03 7.16
N GLY A 52 -17.83 -3.92 7.94
CA GLY A 52 -17.98 -3.84 9.38
C GLY A 52 -16.70 -4.20 10.12
N GLY A 1 15.12 -14.85 0.59
CA GLY A 1 15.32 -13.49 1.06
C GLY A 1 14.95 -12.45 0.02
N SER A 2 15.77 -11.42 -0.11
CA SER A 2 15.51 -10.35 -1.07
C SER A 2 16.02 -10.74 -2.46
N SER A 3 15.76 -11.98 -2.84
CA SER A 3 16.19 -12.48 -4.14
C SER A 3 15.00 -12.99 -4.95
N GLY A 4 14.08 -13.67 -4.27
CA GLY A 4 12.90 -14.19 -4.94
C GLY A 4 11.66 -13.35 -4.69
N SER A 5 11.72 -12.08 -5.07
CA SER A 5 10.60 -11.17 -4.88
C SER A 5 9.64 -11.23 -6.06
N SER A 6 8.63 -12.09 -5.95
CA SER A 6 7.65 -12.24 -7.03
C SER A 6 7.02 -10.90 -7.38
N GLY A 7 6.37 -10.28 -6.39
CA GLY A 7 5.73 -9.00 -6.61
C GLY A 7 4.80 -8.60 -5.48
N PRO A 8 5.37 -7.96 -4.45
CA PRO A 8 4.61 -7.52 -3.28
C PRO A 8 3.66 -6.36 -3.60
N VAL A 9 2.90 -5.93 -2.61
CA VAL A 9 1.95 -4.84 -2.79
C VAL A 9 2.03 -3.85 -1.63
N GLY A 10 1.22 -2.79 -1.71
CA GLY A 10 1.20 -1.79 -0.66
C GLY A 10 2.24 -0.70 -0.89
N TRP A 11 2.04 0.44 -0.24
CA TRP A 11 2.96 1.56 -0.38
C TRP A 11 3.92 1.63 0.79
N GLN A 12 5.22 1.50 0.51
CA GLN A 12 6.24 1.55 1.55
C GLN A 12 6.29 2.93 2.19
N CYS A 13 6.00 3.00 3.49
CA CYS A 13 6.01 4.25 4.22
C CYS A 13 7.28 5.04 3.91
N PRO A 14 7.10 6.30 3.48
CA PRO A 14 8.22 7.19 3.15
C PRO A 14 9.02 7.61 4.38
N GLY A 15 8.67 7.05 5.52
CA GLY A 15 9.35 7.38 6.76
C GLY A 15 9.88 6.15 7.48
N CYS A 16 9.05 5.12 7.59
CA CYS A 16 9.44 3.89 8.26
C CYS A 16 9.50 2.73 7.27
N THR A 17 9.24 3.04 6.00
CA THR A 17 9.26 2.02 4.96
C THR A 17 8.44 0.80 5.35
N PHE A 18 7.27 1.04 5.93
CA PHE A 18 6.39 -0.04 6.36
C PHE A 18 5.32 -0.32 5.31
N ILE A 19 5.65 -1.17 4.35
CA ILE A 19 4.72 -1.53 3.29
C ILE A 19 3.28 -1.53 3.80
N ASN A 20 2.58 -0.42 3.60
CA ASN A 20 1.20 -0.29 4.03
C ASN A 20 0.24 -0.61 2.89
N LYS A 21 -0.74 -1.46 3.16
CA LYS A 21 -1.73 -1.85 2.17
C LYS A 21 -2.11 -0.66 1.29
N PRO A 22 -2.43 -0.95 0.02
CA PRO A 22 -2.81 0.09 -0.95
C PRO A 22 -4.18 0.71 -0.63
N THR A 23 -4.90 0.09 0.29
CA THR A 23 -6.22 0.58 0.68
C THR A 23 -6.12 1.51 1.88
N ARG A 24 -5.05 1.36 2.66
CA ARG A 24 -4.84 2.20 3.84
C ARG A 24 -3.86 3.32 3.53
N PRO A 25 -4.39 4.53 3.31
CA PRO A 25 -3.57 5.72 3.01
C PRO A 25 -2.77 6.19 4.20
N GLY A 26 -2.86 5.44 5.30
CA GLY A 26 -2.13 5.80 6.51
C GLY A 26 -1.16 4.72 6.95
N CYS A 27 -0.16 5.11 7.72
CA CYS A 27 0.84 4.16 8.21
C CYS A 27 0.42 3.58 9.57
N GLU A 28 1.05 2.47 9.94
CA GLU A 28 0.74 1.81 11.21
C GLU A 28 1.87 2.04 12.22
N MET A 29 3.10 1.92 11.75
CA MET A 29 4.27 2.11 12.61
C MET A 29 4.37 3.55 13.09
N CYS A 30 4.82 4.43 12.21
CA CYS A 30 4.96 5.85 12.54
C CYS A 30 3.71 6.62 12.15
N CYS A 31 2.61 5.90 11.94
CA CYS A 31 1.35 6.52 11.55
C CYS A 31 1.59 7.75 10.68
N ARG A 32 2.61 7.68 9.84
CA ARG A 32 2.96 8.79 8.95
C ARG A 32 2.10 8.75 7.68
N ALA A 33 1.19 9.70 7.55
CA ALA A 33 0.31 9.77 6.39
C ALA A 33 1.02 9.27 5.15
N ARG A 34 0.26 8.65 4.25
CA ARG A 34 0.82 8.11 3.01
C ARG A 34 1.22 9.24 2.07
N PRO A 35 2.35 9.05 1.37
CA PRO A 35 2.87 10.04 0.42
C PRO A 35 2.02 10.14 -0.83
N GLU A 36 1.48 11.34 -1.09
CA GLU A 36 0.64 11.57 -2.26
C GLU A 36 1.32 11.05 -3.52
N ALA A 37 2.60 11.37 -3.68
CA ALA A 37 3.35 10.94 -4.84
C ALA A 37 2.94 9.54 -5.28
N TYR A 38 3.08 8.58 -4.38
CA TYR A 38 2.71 7.20 -4.68
C TYR A 38 1.29 7.11 -5.20
N GLN A 39 1.13 6.44 -6.35
CA GLN A 39 -0.20 6.28 -6.95
C GLN A 39 -0.83 4.96 -6.53
N VAL A 40 -2.12 5.01 -6.22
CA VAL A 40 -2.85 3.82 -5.80
C VAL A 40 -3.95 3.47 -6.81
N PRO A 41 -4.09 2.16 -7.10
CA PRO A 41 -5.10 1.67 -8.04
C PRO A 41 -6.52 1.79 -7.50
N ALA A 42 -7.24 2.80 -7.98
CA ALA A 42 -8.61 3.03 -7.53
C ALA A 42 -9.46 1.78 -7.72
N SER A 43 -9.37 1.16 -8.89
CA SER A 43 -10.13 -0.03 -9.20
C SER A 43 -9.91 -1.10 -8.14
N TYR A 44 -8.65 -1.26 -7.71
CA TYR A 44 -8.30 -2.24 -6.71
C TYR A 44 -9.38 -2.33 -5.62
N GLN A 45 -9.62 -3.54 -5.14
CA GLN A 45 -10.62 -3.76 -4.10
C GLN A 45 -10.13 -3.27 -2.74
N PRO A 46 -11.07 -2.94 -1.85
CA PRO A 46 -10.75 -2.45 -0.50
C PRO A 46 -10.15 -3.53 0.38
N SER A 47 -9.96 -4.72 -0.20
CA SER A 47 -9.40 -5.84 0.55
C SER A 47 -10.41 -6.42 1.53
N GLY A 48 -11.69 -6.28 1.19
CA GLY A 48 -12.75 -6.78 2.04
C GLY A 48 -14.13 -6.36 1.57
N PRO A 49 -14.94 -7.35 1.17
CA PRO A 49 -16.31 -7.10 0.68
C PRO A 49 -17.24 -6.66 1.80
N SER A 50 -17.29 -5.35 2.05
CA SER A 50 -18.14 -4.80 3.09
C SER A 50 -19.33 -4.07 2.49
N SER A 51 -20.49 -4.74 2.50
CA SER A 51 -21.71 -4.16 1.94
C SER A 51 -22.49 -3.41 3.02
N GLY A 52 -23.51 -2.68 2.60
CA GLY A 52 -24.32 -1.92 3.53
C GLY A 52 -25.76 -1.75 3.06
N GLY A 1 14.03 -19.24 -1.93
CA GLY A 1 12.59 -19.41 -1.92
C GLY A 1 12.09 -20.13 -3.17
N SER A 2 11.02 -19.62 -3.76
CA SER A 2 10.44 -20.22 -4.96
C SER A 2 10.27 -19.18 -6.06
N SER A 3 10.57 -19.58 -7.29
CA SER A 3 10.45 -18.68 -8.44
C SER A 3 9.07 -18.05 -8.48
N GLY A 4 9.00 -16.81 -8.97
CA GLY A 4 7.74 -16.11 -9.06
C GLY A 4 7.86 -14.76 -9.75
N SER A 5 8.49 -13.81 -9.07
CA SER A 5 8.68 -12.48 -9.63
C SER A 5 7.34 -11.74 -9.72
N SER A 6 6.53 -11.86 -8.68
CA SER A 6 5.22 -11.22 -8.65
C SER A 6 5.32 -9.81 -8.04
N GLY A 7 5.98 -9.73 -6.88
CA GLY A 7 6.13 -8.45 -6.22
C GLY A 7 5.05 -8.20 -5.19
N PRO A 8 5.44 -7.65 -4.04
CA PRO A 8 4.51 -7.34 -2.94
C PRO A 8 3.57 -6.19 -3.28
N VAL A 9 2.66 -5.88 -2.37
CA VAL A 9 1.70 -4.80 -2.57
C VAL A 9 1.79 -3.77 -1.45
N GLY A 10 1.00 -2.71 -1.57
CA GLY A 10 1.00 -1.67 -0.56
C GLY A 10 2.11 -0.65 -0.78
N TRP A 11 1.91 0.55 -0.26
CA TRP A 11 2.90 1.62 -0.40
C TRP A 11 3.85 1.64 0.80
N GLN A 12 5.15 1.61 0.51
CA GLN A 12 6.16 1.63 1.57
C GLN A 12 6.24 3.00 2.22
N CYS A 13 5.92 3.06 3.51
CA CYS A 13 5.96 4.31 4.26
C CYS A 13 7.24 5.08 3.96
N PRO A 14 7.08 6.36 3.56
CA PRO A 14 8.22 7.22 3.24
C PRO A 14 9.02 7.61 4.47
N GLY A 15 8.68 7.02 5.61
CA GLY A 15 9.37 7.31 6.85
C GLY A 15 9.88 6.05 7.53
N CYS A 16 9.00 5.07 7.68
CA CYS A 16 9.37 3.81 8.33
C CYS A 16 9.47 2.69 7.31
N THR A 17 9.19 3.00 6.04
CA THR A 17 9.25 2.02 4.97
C THR A 17 8.45 0.78 5.33
N PHE A 18 7.27 0.98 5.92
CA PHE A 18 6.41 -0.13 6.31
C PHE A 18 5.37 -0.40 5.24
N ILE A 19 5.73 -1.24 4.27
CA ILE A 19 4.83 -1.59 3.18
C ILE A 19 3.38 -1.64 3.67
N ASN A 20 2.68 -0.52 3.54
CA ASN A 20 1.29 -0.45 3.96
C ASN A 20 0.34 -0.74 2.80
N LYS A 21 -0.65 -1.58 3.05
CA LYS A 21 -1.63 -1.94 2.02
C LYS A 21 -2.05 -0.71 1.21
N PRO A 22 -2.45 -0.93 -0.04
CA PRO A 22 -2.88 0.13 -0.94
C PRO A 22 -4.22 0.74 -0.51
N THR A 23 -4.96 0.00 0.32
CA THR A 23 -6.26 0.45 0.79
C THR A 23 -6.11 1.36 2.01
N ARG A 24 -4.96 1.27 2.68
CA ARG A 24 -4.71 2.09 3.86
C ARG A 24 -3.80 3.27 3.51
N PRO A 25 -4.41 4.45 3.34
CA PRO A 25 -3.68 5.68 3.00
C PRO A 25 -2.84 6.18 4.16
N GLY A 26 -2.81 5.42 5.25
CA GLY A 26 -2.03 5.80 6.41
C GLY A 26 -1.04 4.72 6.83
N CYS A 27 -0.16 5.07 7.75
CA CYS A 27 0.84 4.13 8.24
C CYS A 27 0.43 3.56 9.60
N GLU A 28 1.05 2.44 9.98
CA GLU A 28 0.74 1.79 11.24
C GLU A 28 1.86 2.02 12.25
N MET A 29 3.10 1.95 11.78
CA MET A 29 4.27 2.15 12.64
C MET A 29 4.34 3.59 13.11
N CYS A 30 4.79 4.47 12.23
CA CYS A 30 4.93 5.89 12.56
C CYS A 30 3.68 6.67 12.14
N CYS A 31 2.59 5.93 11.93
CA CYS A 31 1.33 6.55 11.52
C CYS A 31 1.58 7.77 10.63
N ARG A 32 2.62 7.70 9.81
CA ARG A 32 2.97 8.79 8.92
C ARG A 32 2.09 8.78 7.68
N ALA A 33 1.34 9.87 7.48
CA ALA A 33 0.45 9.98 6.33
C ALA A 33 1.13 9.45 5.06
N ARG A 34 0.32 8.86 4.18
CA ARG A 34 0.84 8.30 2.94
C ARG A 34 1.26 9.42 1.97
N PRO A 35 2.39 9.21 1.28
CA PRO A 35 2.93 10.18 0.33
C PRO A 35 2.06 10.31 -0.93
N GLU A 36 1.75 11.54 -1.31
CA GLU A 36 0.92 11.79 -2.48
C GLU A 36 1.52 11.11 -3.72
N ALA A 37 2.82 11.32 -3.93
CA ALA A 37 3.51 10.73 -5.07
C ALA A 37 2.93 9.37 -5.41
N TYR A 38 3.04 8.43 -4.48
CA TYR A 38 2.52 7.08 -4.69
C TYR A 38 1.06 7.12 -5.12
N GLN A 39 0.75 6.37 -6.18
CA GLN A 39 -0.62 6.31 -6.70
C GLN A 39 -1.28 4.99 -6.33
N VAL A 40 -2.58 5.05 -6.05
CA VAL A 40 -3.33 3.85 -5.68
C VAL A 40 -4.07 3.28 -6.89
N PRO A 41 -3.83 1.99 -7.17
CA PRO A 41 -4.47 1.30 -8.29
C PRO A 41 -5.97 1.09 -8.08
N ALA A 42 -6.77 1.98 -8.66
CA ALA A 42 -8.22 1.89 -8.53
C ALA A 42 -8.71 0.47 -8.81
N SER A 43 -10.01 0.24 -8.58
CA SER A 43 -10.59 -1.07 -8.80
C SER A 43 -9.95 -2.11 -7.90
N TYR A 44 -9.60 -1.70 -6.69
CA TYR A 44 -8.97 -2.60 -5.73
C TYR A 44 -9.87 -2.80 -4.51
N GLN A 45 -10.27 -1.70 -3.89
CA GLN A 45 -11.13 -1.75 -2.72
C GLN A 45 -12.19 -2.84 -2.86
N PRO A 46 -12.63 -3.40 -1.72
CA PRO A 46 -13.65 -4.45 -1.70
C PRO A 46 -15.03 -3.94 -2.10
N SER A 47 -16.01 -4.83 -2.10
CA SER A 47 -17.37 -4.47 -2.47
C SER A 47 -18.08 -3.77 -1.31
N GLY A 48 -17.47 -2.71 -0.81
CA GLY A 48 -18.05 -1.98 0.30
C GLY A 48 -19.50 -1.60 0.04
N PRO A 49 -20.31 -1.60 1.11
CA PRO A 49 -21.74 -1.25 1.02
C PRO A 49 -21.95 0.23 0.73
N SER A 50 -22.16 0.55 -0.54
CA SER A 50 -22.38 1.93 -0.96
C SER A 50 -23.83 2.33 -0.72
N SER A 51 -24.76 1.48 -1.15
CA SER A 51 -26.18 1.75 -0.99
C SER A 51 -26.79 0.84 0.08
N GLY A 52 -26.64 -0.46 -0.10
CA GLY A 52 -27.18 -1.41 0.85
C GLY A 52 -26.16 -2.46 1.27
N GLY A 1 12.74 -19.97 -11.16
CA GLY A 1 11.62 -19.22 -10.63
C GLY A 1 11.85 -17.73 -10.69
N SER A 2 11.62 -17.05 -9.57
CA SER A 2 11.79 -15.60 -9.50
C SER A 2 13.24 -15.25 -9.16
N SER A 3 14.01 -14.89 -10.19
CA SER A 3 15.41 -14.53 -10.00
C SER A 3 15.64 -13.07 -10.38
N GLY A 4 14.74 -12.20 -9.95
CA GLY A 4 14.86 -10.78 -10.25
C GLY A 4 14.33 -9.90 -9.13
N SER A 5 13.01 -9.70 -9.12
CA SER A 5 12.39 -8.87 -8.11
C SER A 5 10.90 -9.20 -7.98
N SER A 6 10.45 -9.40 -6.75
CA SER A 6 9.05 -9.74 -6.48
C SER A 6 8.22 -8.48 -6.38
N GLY A 7 8.59 -7.59 -5.47
CA GLY A 7 7.86 -6.34 -5.29
C GLY A 7 6.42 -6.58 -4.89
N PRO A 8 6.17 -6.66 -3.57
CA PRO A 8 4.82 -6.89 -3.03
C PRO A 8 3.91 -5.68 -3.23
N VAL A 9 2.69 -5.78 -2.72
CA VAL A 9 1.72 -4.70 -2.84
C VAL A 9 1.83 -3.72 -1.68
N GLY A 10 1.02 -2.67 -1.71
CA GLY A 10 1.05 -1.68 -0.65
C GLY A 10 2.14 -0.64 -0.87
N TRP A 11 1.95 0.54 -0.28
CA TRP A 11 2.92 1.62 -0.41
C TRP A 11 3.88 1.64 0.78
N GLN A 12 5.18 1.60 0.49
CA GLN A 12 6.19 1.61 1.54
C GLN A 12 6.26 2.98 2.21
N CYS A 13 5.92 3.02 3.50
CA CYS A 13 5.95 4.26 4.26
C CYS A 13 7.22 5.05 3.96
N PRO A 14 7.05 6.32 3.57
CA PRO A 14 8.18 7.21 3.25
C PRO A 14 8.98 7.59 4.49
N GLY A 15 8.64 7.00 5.62
CA GLY A 15 9.34 7.28 6.86
C GLY A 15 9.87 6.04 7.54
N CYS A 16 9.00 5.04 7.68
CA CYS A 16 9.39 3.79 8.33
C CYS A 16 9.46 2.65 7.30
N THR A 17 9.23 2.99 6.03
CA THR A 17 9.26 2.01 4.97
C THR A 17 8.46 0.77 5.32
N PHE A 18 7.29 0.98 5.92
CA PHE A 18 6.41 -0.12 6.31
C PHE A 18 5.36 -0.38 5.24
N ILE A 19 5.71 -1.23 4.28
CA ILE A 19 4.80 -1.58 3.20
C ILE A 19 3.36 -1.61 3.68
N ASN A 20 2.67 -0.49 3.54
CA ASN A 20 1.27 -0.39 3.96
C ASN A 20 0.33 -0.68 2.79
N LYS A 21 -0.65 -1.55 3.05
CA LYS A 21 -1.62 -1.91 2.02
C LYS A 21 -2.05 -0.69 1.21
N PRO A 22 -2.44 -0.91 -0.05
CA PRO A 22 -2.89 0.16 -0.94
C PRO A 22 -4.24 0.75 -0.53
N THR A 23 -4.95 0.01 0.32
CA THR A 23 -6.25 0.46 0.80
C THR A 23 -6.11 1.36 2.02
N ARG A 24 -4.97 1.27 2.69
CA ARG A 24 -4.72 2.09 3.88
C ARG A 24 -3.80 3.25 3.55
N PRO A 25 -4.39 4.44 3.35
CA PRO A 25 -3.64 5.66 3.03
C PRO A 25 -2.81 6.16 4.20
N GLY A 26 -2.82 5.39 5.29
CA GLY A 26 -2.05 5.78 6.46
C GLY A 26 -1.07 4.71 6.89
N CYS A 27 -0.17 5.06 7.80
CA CYS A 27 0.84 4.12 8.29
C CYS A 27 0.42 3.54 9.65
N GLU A 28 1.05 2.43 10.02
CA GLU A 28 0.74 1.78 11.29
C GLU A 28 1.86 2.02 12.30
N MET A 29 3.10 1.97 11.84
CA MET A 29 4.25 2.18 12.70
C MET A 29 4.33 3.64 13.15
N CYS A 30 4.79 4.50 12.26
CA CYS A 30 4.92 5.93 12.56
C CYS A 30 3.67 6.69 12.12
N CYS A 31 2.59 5.96 11.90
CA CYS A 31 1.33 6.56 11.47
C CYS A 31 1.58 7.79 10.60
N ARG A 32 2.63 7.72 9.78
CA ARG A 32 2.98 8.82 8.90
C ARG A 32 2.12 8.80 7.64
N ALA A 33 1.31 9.85 7.47
CA ALA A 33 0.44 9.94 6.31
C ALA A 33 1.12 9.40 5.06
N ARG A 34 0.32 8.83 4.16
CA ARG A 34 0.84 8.27 2.91
C ARG A 34 1.24 9.37 1.94
N PRO A 35 2.35 9.16 1.22
CA PRO A 35 2.86 10.12 0.23
C PRO A 35 1.95 10.24 -0.98
N GLU A 36 1.42 11.44 -1.21
CA GLU A 36 0.54 11.69 -2.35
C GLU A 36 1.11 11.07 -3.62
N ALA A 37 2.42 11.26 -3.83
CA ALA A 37 3.09 10.72 -5.00
C ALA A 37 2.50 9.37 -5.41
N TYR A 38 2.60 8.39 -4.53
CA TYR A 38 2.07 7.06 -4.79
C TYR A 38 0.59 7.12 -5.13
N GLN A 39 0.17 6.26 -6.06
CA GLN A 39 -1.22 6.20 -6.48
C GLN A 39 -1.88 4.90 -6.04
N VAL A 40 -3.21 4.90 -5.94
CA VAL A 40 -3.94 3.72 -5.53
C VAL A 40 -4.41 2.92 -6.75
N PRO A 41 -4.07 1.63 -6.78
CA PRO A 41 -4.44 0.73 -7.88
C PRO A 41 -5.93 0.43 -7.90
N ALA A 42 -6.67 1.14 -8.75
CA ALA A 42 -8.10 0.96 -8.87
C ALA A 42 -8.46 -0.52 -8.96
N SER A 43 -9.74 -0.83 -8.79
CA SER A 43 -10.20 -2.22 -8.85
C SER A 43 -9.48 -3.08 -7.82
N TYR A 44 -9.37 -2.56 -6.60
CA TYR A 44 -8.70 -3.28 -5.52
C TYR A 44 -9.61 -3.40 -4.29
N GLN A 45 -10.22 -4.56 -4.13
CA GLN A 45 -11.11 -4.80 -3.00
C GLN A 45 -11.07 -6.26 -2.57
N PRO A 46 -11.28 -6.50 -1.26
CA PRO A 46 -11.27 -7.84 -0.69
C PRO A 46 -12.47 -8.67 -1.14
N SER A 47 -12.73 -9.76 -0.43
CA SER A 47 -13.85 -10.64 -0.74
C SER A 47 -15.18 -9.92 -0.55
N GLY A 48 -15.17 -8.91 0.33
CA GLY A 48 -16.38 -8.16 0.60
C GLY A 48 -16.22 -6.68 0.30
N PRO A 49 -17.28 -6.05 -0.24
CA PRO A 49 -17.27 -4.63 -0.57
C PRO A 49 -17.25 -3.74 0.66
N SER A 50 -17.18 -4.36 1.83
CA SER A 50 -17.16 -3.62 3.09
C SER A 50 -16.39 -2.31 2.94
N SER A 51 -17.12 -1.20 3.01
CA SER A 51 -16.50 0.12 2.87
C SER A 51 -15.88 0.57 4.19
N GLY A 52 -16.66 0.48 5.26
CA GLY A 52 -16.18 0.89 6.57
C GLY A 52 -17.28 1.40 7.47
N GLY A 1 11.34 -11.31 -21.53
CA GLY A 1 12.14 -12.31 -20.82
C GLY A 1 11.75 -12.44 -19.36
N SER A 2 12.19 -11.50 -18.54
CA SER A 2 11.89 -11.53 -17.11
C SER A 2 12.02 -10.13 -16.51
N SER A 3 11.24 -9.86 -15.47
CA SER A 3 11.28 -8.57 -14.80
C SER A 3 10.62 -8.66 -13.42
N GLY A 4 11.38 -8.33 -12.38
CA GLY A 4 10.85 -8.37 -11.03
C GLY A 4 10.62 -9.80 -10.55
N SER A 5 11.26 -10.15 -9.43
CA SER A 5 11.14 -11.48 -8.86
C SER A 5 10.08 -11.51 -7.76
N SER A 6 10.31 -10.73 -6.71
CA SER A 6 9.39 -10.66 -5.59
C SER A 6 8.95 -9.23 -5.33
N GLY A 7 7.75 -8.88 -5.80
CA GLY A 7 7.24 -7.54 -5.62
C GLY A 7 5.90 -7.53 -4.90
N PRO A 8 5.94 -7.26 -3.59
CA PRO A 8 4.73 -7.21 -2.75
C PRO A 8 3.84 -6.01 -3.08
N VAL A 9 2.72 -5.90 -2.38
CA VAL A 9 1.80 -4.80 -2.58
C VAL A 9 1.88 -3.77 -1.45
N GLY A 10 1.10 -2.71 -1.57
CA GLY A 10 1.11 -1.68 -0.55
C GLY A 10 2.18 -0.64 -0.78
N TRP A 11 1.97 0.56 -0.24
CA TRP A 11 2.94 1.64 -0.39
C TRP A 11 3.89 1.70 0.80
N GLN A 12 5.18 1.51 0.53
CA GLN A 12 6.18 1.54 1.58
C GLN A 12 6.26 2.92 2.23
N CYS A 13 5.90 2.98 3.51
CA CYS A 13 5.94 4.24 4.24
C CYS A 13 7.19 5.03 3.92
N PRO A 14 7.01 6.30 3.51
CA PRO A 14 8.12 7.19 3.17
C PRO A 14 8.95 7.60 4.38
N GLY A 15 8.62 7.02 5.53
CA GLY A 15 9.33 7.33 6.75
C GLY A 15 9.87 6.09 7.44
N CYS A 16 9.02 5.08 7.59
CA CYS A 16 9.41 3.84 8.23
C CYS A 16 9.46 2.68 7.23
N THR A 17 9.21 3.01 5.96
CA THR A 17 9.23 2.01 4.90
C THR A 17 8.41 0.78 5.30
N PHE A 18 7.26 1.01 5.92
CA PHE A 18 6.39 -0.07 6.35
C PHE A 18 5.34 -0.37 5.29
N ILE A 19 5.69 -1.23 4.34
CA ILE A 19 4.77 -1.60 3.27
C ILE A 19 3.33 -1.61 3.77
N ASN A 20 2.63 -0.50 3.54
CA ASN A 20 1.23 -0.38 3.96
C ASN A 20 0.29 -0.71 2.81
N LYS A 21 -0.71 -1.55 3.10
CA LYS A 21 -1.68 -1.95 2.09
C LYS A 21 -2.06 -0.77 1.20
N PRO A 22 -2.37 -1.05 -0.07
CA PRO A 22 -2.75 -0.02 -1.04
C PRO A 22 -4.13 0.56 -0.74
N THR A 23 -4.77 0.06 0.31
CA THR A 23 -6.09 0.54 0.71
C THR A 23 -6.00 1.47 1.92
N ARG A 24 -4.91 1.35 2.67
CA ARG A 24 -4.71 2.18 3.85
C ARG A 24 -3.81 3.37 3.53
N PRO A 25 -4.42 4.56 3.37
CA PRO A 25 -3.68 5.79 3.07
C PRO A 25 -2.84 6.27 4.25
N GLY A 26 -2.82 5.48 5.31
CA GLY A 26 -2.04 5.84 6.49
C GLY A 26 -1.07 4.75 6.89
N CYS A 27 -0.17 5.08 7.82
CA CYS A 27 0.82 4.12 8.29
C CYS A 27 0.42 3.54 9.64
N GLU A 28 1.03 2.42 10.00
CA GLU A 28 0.74 1.76 11.26
C GLU A 28 1.86 1.97 12.28
N MET A 29 3.09 1.94 11.79
CA MET A 29 4.26 2.14 12.65
C MET A 29 4.35 3.58 13.12
N CYS A 30 4.81 4.46 12.23
CA CYS A 30 4.95 5.87 12.54
C CYS A 30 3.70 6.64 12.14
N CYS A 31 2.60 5.92 11.93
CA CYS A 31 1.34 6.54 11.54
C CYS A 31 1.58 7.75 10.65
N ARG A 32 2.63 7.68 9.82
CA ARG A 32 2.97 8.78 8.93
C ARG A 32 2.07 8.77 7.70
N ALA A 33 1.34 9.86 7.51
CA ALA A 33 0.44 9.98 6.37
C ALA A 33 1.07 9.44 5.09
N ARG A 34 0.26 8.84 4.23
CA ARG A 34 0.75 8.29 2.99
C ARG A 34 1.19 9.39 2.03
N PRO A 35 2.29 9.15 1.31
CA PRO A 35 2.84 10.11 0.35
C PRO A 35 1.95 10.27 -0.89
N GLU A 36 1.79 11.51 -1.34
CA GLU A 36 0.98 11.79 -2.51
C GLU A 36 1.60 11.20 -3.77
N ALA A 37 2.92 11.24 -3.84
CA ALA A 37 3.64 10.72 -4.99
C ALA A 37 3.05 9.39 -5.45
N TYR A 38 2.79 8.50 -4.50
CA TYR A 38 2.21 7.19 -4.81
C TYR A 38 0.79 7.33 -5.35
N GLN A 39 0.33 6.30 -6.05
CA GLN A 39 -1.00 6.32 -6.64
C GLN A 39 -1.63 4.93 -6.57
N VAL A 40 -2.91 4.87 -6.26
CA VAL A 40 -3.63 3.60 -6.18
C VAL A 40 -3.88 3.02 -7.56
N PRO A 41 -3.54 1.73 -7.73
CA PRO A 41 -3.71 1.02 -9.01
C PRO A 41 -5.18 0.78 -9.34
N ALA A 42 -5.45 0.53 -10.61
CA ALA A 42 -6.83 0.27 -11.05
C ALA A 42 -7.50 -0.77 -10.17
N SER A 43 -8.76 -1.08 -10.48
CA SER A 43 -9.52 -2.05 -9.71
C SER A 43 -8.61 -3.17 -9.19
N TYR A 44 -8.16 -3.01 -7.95
CA TYR A 44 -7.28 -4.00 -7.33
C TYR A 44 -7.86 -4.49 -6.01
N GLN A 45 -8.39 -3.56 -5.22
CA GLN A 45 -8.98 -3.90 -3.93
C GLN A 45 -10.06 -4.96 -4.08
N PRO A 46 -9.95 -6.04 -3.30
CA PRO A 46 -10.91 -7.15 -3.33
C PRO A 46 -12.26 -6.76 -2.75
N SER A 47 -13.19 -7.70 -2.74
CA SER A 47 -14.53 -7.45 -2.22
C SER A 47 -14.56 -7.61 -0.70
N GLY A 48 -13.75 -8.55 -0.20
CA GLY A 48 -13.71 -8.78 1.24
C GLY A 48 -14.74 -9.79 1.69
N PRO A 49 -14.38 -10.60 2.70
CA PRO A 49 -15.27 -11.63 3.26
C PRO A 49 -16.45 -11.03 4.01
N SER A 50 -16.47 -9.70 4.10
CA SER A 50 -17.54 -9.01 4.81
C SER A 50 -18.90 -9.40 4.25
N SER A 51 -19.82 -9.75 5.13
CA SER A 51 -21.17 -10.16 4.72
C SER A 51 -21.13 -10.91 3.40
N GLY A 52 -20.26 -11.89 3.31
CA GLY A 52 -20.13 -12.67 2.09
C GLY A 52 -19.30 -13.93 2.28
N GLY A 1 23.40 -6.05 1.95
CA GLY A 1 23.30 -5.86 0.51
C GLY A 1 22.12 -6.59 -0.09
N SER A 2 20.93 -6.01 0.06
CA SER A 2 19.71 -6.63 -0.46
C SER A 2 19.80 -6.76 -1.98
N SER A 3 19.45 -7.95 -2.48
CA SER A 3 19.49 -8.22 -3.91
C SER A 3 18.30 -9.08 -4.34
N GLY A 4 17.51 -8.57 -5.27
CA GLY A 4 16.35 -9.30 -5.75
C GLY A 4 15.10 -8.97 -4.96
N SER A 5 14.90 -7.68 -4.69
CA SER A 5 13.72 -7.25 -3.94
C SER A 5 12.45 -7.44 -4.76
N SER A 6 11.56 -8.30 -4.26
CA SER A 6 10.31 -8.58 -4.94
C SER A 6 9.46 -7.32 -5.07
N GLY A 7 9.11 -6.75 -3.92
CA GLY A 7 8.29 -5.55 -3.91
C GLY A 7 6.81 -5.84 -4.02
N PRO A 8 6.23 -6.35 -2.92
CA PRO A 8 4.81 -6.69 -2.87
C PRO A 8 3.91 -5.45 -2.87
N VAL A 9 2.61 -5.67 -2.99
CA VAL A 9 1.65 -4.57 -3.01
C VAL A 9 1.83 -3.66 -1.80
N GLY A 10 1.04 -2.61 -1.74
CA GLY A 10 1.12 -1.67 -0.63
C GLY A 10 2.20 -0.63 -0.83
N TRP A 11 2.02 0.53 -0.20
CA TRP A 11 2.99 1.61 -0.32
C TRP A 11 3.90 1.66 0.91
N GLN A 12 5.19 1.43 0.69
CA GLN A 12 6.17 1.45 1.78
C GLN A 12 6.28 2.84 2.39
N CYS A 13 5.83 2.97 3.63
CA CYS A 13 5.89 4.25 4.33
C CYS A 13 7.17 5.00 4.00
N PRO A 14 7.02 6.26 3.56
CA PRO A 14 8.15 7.12 3.20
C PRO A 14 8.98 7.52 4.41
N GLY A 15 8.64 6.97 5.57
CA GLY A 15 9.36 7.29 6.79
C GLY A 15 9.94 6.06 7.45
N CYS A 16 9.12 5.03 7.61
CA CYS A 16 9.55 3.79 8.24
C CYS A 16 9.58 2.64 7.23
N THR A 17 9.42 2.98 5.95
CA THR A 17 9.43 1.99 4.88
C THR A 17 8.56 0.79 5.23
N PHE A 18 7.37 1.07 5.76
CA PHE A 18 6.44 0.02 6.15
C PHE A 18 5.43 -0.25 5.02
N ILE A 19 5.60 -1.39 4.36
CA ILE A 19 4.70 -1.76 3.26
C ILE A 19 3.25 -1.72 3.71
N ASN A 20 2.64 -0.54 3.66
CA ASN A 20 1.25 -0.37 4.06
C ASN A 20 0.32 -0.67 2.89
N LYS A 21 -0.68 -1.51 3.14
CA LYS A 21 -1.65 -1.87 2.12
C LYS A 21 -2.01 -0.67 1.26
N PRO A 22 -2.36 -0.93 -0.01
CA PRO A 22 -2.75 0.12 -0.95
C PRO A 22 -4.09 0.75 -0.62
N THR A 23 -4.83 0.10 0.28
CA THR A 23 -6.14 0.59 0.68
C THR A 23 -6.03 1.47 1.92
N ARG A 24 -4.92 1.36 2.63
CA ARG A 24 -4.69 2.15 3.84
C ARG A 24 -3.83 3.37 3.53
N PRO A 25 -4.47 4.54 3.43
CA PRO A 25 -3.77 5.80 3.14
C PRO A 25 -2.92 6.27 4.31
N GLY A 26 -2.85 5.45 5.35
CA GLY A 26 -2.07 5.80 6.52
C GLY A 26 -1.06 4.73 6.87
N CYS A 27 -0.21 5.02 7.87
CA CYS A 27 0.80 4.07 8.30
C CYS A 27 0.43 3.44 9.64
N GLU A 28 1.08 2.33 9.98
CA GLU A 28 0.82 1.64 11.23
C GLU A 28 1.91 1.92 12.25
N MET A 29 3.16 1.95 11.78
CA MET A 29 4.30 2.21 12.65
C MET A 29 4.31 3.66 13.11
N CYS A 30 4.75 4.56 12.23
CA CYS A 30 4.81 5.98 12.54
C CYS A 30 3.56 6.70 12.06
N CYS A 31 2.52 5.93 11.77
CA CYS A 31 1.25 6.49 11.29
C CYS A 31 1.50 7.73 10.44
N ARG A 32 2.60 7.72 9.69
CA ARG A 32 2.95 8.85 8.84
C ARG A 32 2.07 8.88 7.59
N ALA A 33 1.21 9.89 7.50
CA ALA A 33 0.32 10.03 6.35
C ALA A 33 0.98 9.53 5.08
N ARG A 34 0.20 8.82 4.26
CA ARG A 34 0.71 8.27 3.01
C ARG A 34 1.18 9.38 2.08
N PRO A 35 2.29 9.14 1.38
CA PRO A 35 2.88 10.11 0.46
C PRO A 35 2.03 10.30 -0.79
N GLU A 36 1.48 11.51 -0.95
CA GLU A 36 0.65 11.82 -2.10
C GLU A 36 1.25 11.26 -3.38
N ALA A 37 2.55 11.45 -3.55
CA ALA A 37 3.25 10.97 -4.74
C ALA A 37 2.69 9.63 -5.19
N TYR A 38 2.80 8.61 -4.34
CA TYR A 38 2.30 7.29 -4.65
C TYR A 38 0.87 7.35 -5.18
N GLN A 39 0.56 6.49 -6.14
CA GLN A 39 -0.77 6.45 -6.73
C GLN A 39 -1.33 5.03 -6.70
N VAL A 40 -2.61 4.91 -6.36
CA VAL A 40 -3.27 3.61 -6.29
C VAL A 40 -3.58 3.08 -7.69
N PRO A 41 -3.16 1.83 -7.94
CA PRO A 41 -3.38 1.18 -9.24
C PRO A 41 -4.85 0.85 -9.49
N ALA A 42 -5.42 1.44 -10.54
CA ALA A 42 -6.82 1.21 -10.89
C ALA A 42 -7.15 -0.28 -10.83
N SER A 43 -6.30 -1.10 -11.43
CA SER A 43 -6.51 -2.54 -11.45
C SER A 43 -6.06 -3.18 -10.15
N TYR A 44 -6.94 -3.20 -9.16
CA TYR A 44 -6.63 -3.78 -7.86
C TYR A 44 -7.85 -4.47 -7.27
N GLN A 45 -7.67 -5.71 -6.83
CA GLN A 45 -8.76 -6.48 -6.23
C GLN A 45 -9.05 -5.99 -4.82
N PRO A 46 -10.35 -5.81 -4.51
CA PRO A 46 -10.80 -5.34 -3.20
C PRO A 46 -10.60 -6.40 -2.11
N SER A 47 -10.04 -7.54 -2.50
CA SER A 47 -9.79 -8.63 -1.56
C SER A 47 -11.10 -9.16 -1.00
N GLY A 48 -12.10 -9.29 -1.87
CA GLY A 48 -13.40 -9.78 -1.44
C GLY A 48 -13.28 -11.01 -0.57
N PRO A 49 -14.28 -11.21 0.31
CA PRO A 49 -14.32 -12.36 1.22
C PRO A 49 -14.56 -13.68 0.49
N SER A 50 -14.81 -13.59 -0.81
CA SER A 50 -15.06 -14.78 -1.62
C SER A 50 -16.33 -15.49 -1.16
N SER A 51 -17.37 -14.72 -0.88
CA SER A 51 -18.64 -15.28 -0.44
C SER A 51 -19.81 -14.64 -1.18
N GLY A 52 -20.80 -15.46 -1.51
CA GLY A 52 -21.97 -14.97 -2.23
C GLY A 52 -22.76 -13.96 -1.42
N GLY A 1 12.27 -3.46 -12.25
CA GLY A 1 12.07 -4.67 -11.48
C GLY A 1 10.65 -5.20 -11.58
N SER A 2 10.10 -5.15 -12.80
CA SER A 2 8.74 -5.62 -13.03
C SER A 2 8.75 -6.86 -13.94
N SER A 3 8.39 -8.00 -13.36
CA SER A 3 8.36 -9.25 -14.11
C SER A 3 7.21 -10.14 -13.65
N GLY A 4 6.48 -10.70 -14.60
CA GLY A 4 5.37 -11.57 -14.27
C GLY A 4 4.49 -10.99 -13.18
N SER A 5 4.03 -11.84 -12.28
CA SER A 5 3.18 -11.41 -11.18
C SER A 5 3.85 -10.31 -10.37
N SER A 6 3.10 -9.24 -10.09
CA SER A 6 3.64 -8.12 -9.33
C SER A 6 4.26 -8.60 -8.02
N GLY A 7 3.57 -9.49 -7.33
CA GLY A 7 4.06 -10.01 -6.06
C GLY A 7 3.48 -9.29 -4.86
N PRO A 8 4.33 -8.51 -4.17
CA PRO A 8 3.91 -7.76 -2.98
C PRO A 8 2.99 -6.60 -3.34
N VAL A 9 2.43 -5.96 -2.30
CA VAL A 9 1.52 -4.84 -2.50
C VAL A 9 1.65 -3.83 -1.37
N GLY A 10 0.89 -2.74 -1.46
CA GLY A 10 0.95 -1.70 -0.45
C GLY A 10 2.09 -0.73 -0.67
N TRP A 11 1.93 0.48 -0.15
CA TRP A 11 2.96 1.51 -0.30
C TRP A 11 3.87 1.54 0.92
N GLN A 12 5.18 1.49 0.67
CA GLN A 12 6.17 1.50 1.74
C GLN A 12 6.27 2.89 2.35
N CYS A 13 5.90 2.99 3.63
CA CYS A 13 5.95 4.26 4.35
C CYS A 13 7.24 5.01 4.02
N PRO A 14 7.10 6.27 3.57
CA PRO A 14 8.23 7.12 3.21
C PRO A 14 9.04 7.55 4.43
N GLY A 15 8.67 7.03 5.60
CA GLY A 15 9.37 7.36 6.82
C GLY A 15 9.95 6.14 7.51
N CYS A 16 9.12 5.12 7.68
CA CYS A 16 9.55 3.88 8.33
C CYS A 16 9.58 2.73 7.34
N THR A 17 9.49 3.05 6.06
CA THR A 17 9.52 2.04 5.01
C THR A 17 8.64 0.84 5.37
N PHE A 18 7.37 1.12 5.69
CA PHE A 18 6.44 0.07 6.06
C PHE A 18 5.44 -0.19 4.93
N ILE A 19 5.63 -1.31 4.23
CA ILE A 19 4.75 -1.67 3.13
C ILE A 19 3.30 -1.71 3.58
N ASN A 20 2.66 -0.54 3.62
CA ASN A 20 1.27 -0.44 4.03
C ASN A 20 0.33 -0.73 2.85
N LYS A 21 -0.70 -1.53 3.11
CA LYS A 21 -1.66 -1.90 2.08
C LYS A 21 -2.05 -0.68 1.26
N PRO A 22 -2.46 -0.92 0.00
CA PRO A 22 -2.86 0.15 -0.91
C PRO A 22 -4.20 0.78 -0.51
N THR A 23 -4.96 0.05 0.30
CA THR A 23 -6.26 0.54 0.76
C THR A 23 -6.11 1.43 1.98
N ARG A 24 -4.96 1.33 2.65
CA ARG A 24 -4.70 2.13 3.84
C ARG A 24 -3.83 3.34 3.50
N PRO A 25 -4.46 4.51 3.38
CA PRO A 25 -3.76 5.76 3.06
C PRO A 25 -2.89 6.24 4.20
N GLY A 26 -2.81 5.45 5.26
CA GLY A 26 -2.00 5.80 6.41
C GLY A 26 -1.00 4.74 6.78
N CYS A 27 -0.18 5.01 7.78
CA CYS A 27 0.84 4.06 8.23
C CYS A 27 0.44 3.43 9.56
N GLU A 28 1.08 2.31 9.90
CA GLU A 28 0.78 1.61 11.14
C GLU A 28 1.87 1.87 12.18
N MET A 29 3.12 1.90 11.73
CA MET A 29 4.25 2.15 12.62
C MET A 29 4.26 3.60 13.10
N CYS A 30 4.72 4.49 12.23
CA CYS A 30 4.79 5.91 12.57
C CYS A 30 3.54 6.64 12.09
N CYS A 31 2.50 5.88 11.74
CA CYS A 31 1.26 6.45 11.26
C CYS A 31 1.51 7.71 10.44
N ARG A 32 2.60 7.70 9.68
CA ARG A 32 2.96 8.85 8.85
C ARG A 32 2.10 8.90 7.59
N ALA A 33 1.21 9.89 7.53
CA ALA A 33 0.33 10.05 6.38
C ALA A 33 1.02 9.60 5.10
N ARG A 34 0.29 8.84 4.28
CA ARG A 34 0.82 8.33 3.02
C ARG A 34 1.31 9.49 2.15
N PRO A 35 2.45 9.27 1.46
CA PRO A 35 3.03 10.28 0.57
C PRO A 35 2.20 10.49 -0.69
N GLU A 36 1.69 11.72 -0.85
CA GLU A 36 0.88 12.06 -2.01
C GLU A 36 1.53 11.54 -3.30
N ALA A 37 2.83 11.76 -3.42
CA ALA A 37 3.57 11.32 -4.59
C ALA A 37 3.10 9.95 -5.06
N TYR A 38 2.99 9.01 -4.11
CA TYR A 38 2.56 7.66 -4.42
C TYR A 38 1.14 7.66 -4.97
N GLN A 39 0.81 6.66 -5.79
CA GLN A 39 -0.51 6.54 -6.37
C GLN A 39 -1.04 5.12 -6.24
N VAL A 40 -2.34 5.00 -5.97
CA VAL A 40 -2.97 3.69 -5.82
C VAL A 40 -3.46 3.15 -7.15
N PRO A 41 -3.05 1.92 -7.49
CA PRO A 41 -3.44 1.27 -8.74
C PRO A 41 -4.92 0.89 -8.77
N ALA A 42 -5.69 1.61 -9.57
CA ALA A 42 -7.12 1.34 -9.69
C ALA A 42 -7.41 -0.15 -9.65
N SER A 43 -6.73 -0.91 -10.51
CA SER A 43 -6.91 -2.35 -10.58
C SER A 43 -6.58 -3.00 -9.23
N TYR A 44 -7.61 -3.18 -8.40
CA TYR A 44 -7.43 -3.78 -7.09
C TYR A 44 -8.78 -4.11 -6.45
N GLN A 45 -8.91 -5.33 -5.94
CA GLN A 45 -10.14 -5.76 -5.30
C GLN A 45 -9.85 -6.47 -3.99
N PRO A 46 -10.84 -6.45 -3.07
CA PRO A 46 -10.71 -7.08 -1.75
C PRO A 46 -10.71 -8.61 -1.85
N SER A 47 -10.18 -9.25 -0.82
CA SER A 47 -10.12 -10.70 -0.78
C SER A 47 -11.37 -11.32 -1.39
N GLY A 48 -12.52 -10.82 -0.96
CA GLY A 48 -13.79 -11.33 -1.47
C GLY A 48 -14.19 -12.64 -0.83
N PRO A 49 -15.04 -13.42 -1.51
CA PRO A 49 -15.52 -14.70 -1.02
C PRO A 49 -14.43 -15.76 -1.02
N SER A 50 -14.37 -16.54 0.05
CA SER A 50 -13.36 -17.59 0.18
C SER A 50 -13.66 -18.74 -0.77
N SER A 51 -14.79 -19.40 -0.57
CA SER A 51 -15.19 -20.53 -1.41
C SER A 51 -15.26 -20.12 -2.88
N GLY A 52 -16.04 -19.08 -3.16
CA GLY A 52 -16.17 -18.62 -4.53
C GLY A 52 -14.87 -18.69 -5.29
N GLY A 1 18.22 -14.52 -0.80
CA GLY A 1 17.39 -13.97 -1.86
C GLY A 1 18.16 -13.06 -2.79
N SER A 2 18.80 -13.65 -3.80
CA SER A 2 19.57 -12.88 -4.76
C SER A 2 18.71 -12.45 -5.95
N SER A 3 17.49 -12.00 -5.64
CA SER A 3 16.56 -11.57 -6.68
C SER A 3 15.40 -10.79 -6.07
N GLY A 4 15.02 -9.70 -6.71
CA GLY A 4 13.92 -8.89 -6.22
C GLY A 4 12.71 -8.94 -7.14
N SER A 5 12.30 -10.14 -7.53
CA SER A 5 11.15 -10.31 -8.41
C SER A 5 9.88 -10.51 -7.61
N SER A 6 8.74 -10.37 -8.28
CA SER A 6 7.44 -10.53 -7.63
C SER A 6 7.29 -9.56 -6.47
N GLY A 7 7.68 -8.31 -6.69
CA GLY A 7 7.59 -7.31 -5.65
C GLY A 7 6.24 -7.32 -4.96
N PRO A 8 6.24 -7.08 -3.63
CA PRO A 8 5.03 -7.06 -2.82
C PRO A 8 4.14 -5.86 -3.14
N VAL A 9 2.96 -5.83 -2.53
CA VAL A 9 2.03 -4.73 -2.75
C VAL A 9 2.07 -3.74 -1.60
N GLY A 10 1.23 -2.71 -1.67
CA GLY A 10 1.19 -1.70 -0.64
C GLY A 10 2.26 -0.63 -0.82
N TRP A 11 2.01 0.56 -0.28
CA TRP A 11 2.95 1.66 -0.40
C TRP A 11 3.90 1.70 0.80
N GLN A 12 5.19 1.53 0.53
CA GLN A 12 6.19 1.54 1.59
C GLN A 12 6.28 2.92 2.23
N CYS A 13 5.90 2.99 3.51
CA CYS A 13 5.94 4.25 4.24
C CYS A 13 7.20 5.03 3.92
N PRO A 14 7.03 6.30 3.52
CA PRO A 14 8.16 7.18 3.17
C PRO A 14 8.98 7.57 4.40
N GLY A 15 8.64 6.98 5.54
CA GLY A 15 9.36 7.29 6.77
C GLY A 15 9.89 6.05 7.46
N CYS A 16 9.04 5.04 7.59
CA CYS A 16 9.43 3.79 8.23
C CYS A 16 9.47 2.65 7.22
N THR A 17 9.22 2.97 5.96
CA THR A 17 9.22 1.98 4.90
C THR A 17 8.38 0.77 5.28
N PHE A 18 7.27 1.01 5.96
CA PHE A 18 6.37 -0.06 6.39
C PHE A 18 5.33 -0.35 5.31
N ILE A 19 5.68 -1.24 4.38
CA ILE A 19 4.78 -1.60 3.30
C ILE A 19 3.32 -1.58 3.77
N ASN A 20 2.63 -0.48 3.50
CA ASN A 20 1.23 -0.34 3.90
C ASN A 20 0.30 -0.69 2.74
N LYS A 21 -0.69 -1.51 3.02
CA LYS A 21 -1.66 -1.93 2.00
C LYS A 21 -2.08 -0.73 1.15
N PRO A 22 -2.41 -1.01 -0.12
CA PRO A 22 -2.84 0.02 -1.07
C PRO A 22 -4.22 0.57 -0.74
N THR A 23 -4.81 0.06 0.33
CA THR A 23 -6.14 0.50 0.76
C THR A 23 -6.05 1.43 1.95
N ARG A 24 -4.96 1.32 2.71
CA ARG A 24 -4.75 2.16 3.89
C ARG A 24 -3.84 3.34 3.56
N PRO A 25 -4.44 4.51 3.38
CA PRO A 25 -3.69 5.74 3.07
C PRO A 25 -2.86 6.24 4.24
N GLY A 26 -2.85 5.46 5.32
CA GLY A 26 -2.08 5.83 6.50
C GLY A 26 -1.11 4.75 6.92
N CYS A 27 -0.19 5.10 7.80
CA CYS A 27 0.81 4.15 8.29
C CYS A 27 0.41 3.59 9.65
N GLU A 28 1.02 2.48 10.03
CA GLU A 28 0.73 1.84 11.31
C GLU A 28 1.86 2.07 12.32
N MET A 29 3.09 1.96 11.83
CA MET A 29 4.27 2.16 12.68
C MET A 29 4.36 3.62 13.13
N CYS A 30 4.82 4.48 12.24
CA CYS A 30 4.97 5.89 12.55
C CYS A 30 3.73 6.68 12.14
N CYS A 31 2.62 5.96 11.95
CA CYS A 31 1.36 6.58 11.56
C CYS A 31 1.61 7.78 10.65
N ARG A 32 2.64 7.68 9.81
CA ARG A 32 2.99 8.76 8.90
C ARG A 32 2.08 8.75 7.67
N ALA A 33 1.29 9.81 7.51
CA ALA A 33 0.38 9.91 6.38
C ALA A 33 1.03 9.42 5.10
N ARG A 34 0.25 8.76 4.25
CA ARG A 34 0.76 8.24 2.99
C ARG A 34 1.20 9.37 2.07
N PRO A 35 2.30 9.15 1.34
CA PRO A 35 2.85 10.15 0.41
C PRO A 35 1.96 10.34 -0.82
N GLU A 36 1.70 11.59 -1.18
CA GLU A 36 0.87 11.91 -2.33
C GLU A 36 1.38 11.20 -3.58
N ALA A 37 2.68 11.36 -3.84
CA ALA A 37 3.30 10.73 -5.00
C ALA A 37 2.64 9.39 -5.32
N TYR A 38 2.76 8.44 -4.39
CA TYR A 38 2.19 7.12 -4.58
C TYR A 38 0.68 7.21 -4.80
N GLN A 39 0.24 6.79 -5.99
CA GLN A 39 -1.18 6.82 -6.32
C GLN A 39 -1.78 5.42 -6.29
N VAL A 40 -3.01 5.31 -5.81
CA VAL A 40 -3.70 4.03 -5.72
C VAL A 40 -3.89 3.41 -7.10
N PRO A 41 -3.43 2.17 -7.26
CA PRO A 41 -3.54 1.45 -8.54
C PRO A 41 -4.98 1.06 -8.86
N ALA A 42 -5.39 1.31 -10.10
CA ALA A 42 -6.74 0.99 -10.54
C ALA A 42 -6.92 -0.52 -10.71
N SER A 43 -8.15 -0.93 -10.97
CA SER A 43 -8.45 -2.35 -11.16
C SER A 43 -7.81 -3.19 -10.05
N TYR A 44 -7.87 -2.69 -8.82
CA TYR A 44 -7.30 -3.39 -7.68
C TYR A 44 -8.33 -3.59 -6.59
N GLN A 45 -9.55 -3.94 -6.99
CA GLN A 45 -10.64 -4.17 -6.04
C GLN A 45 -10.12 -4.83 -4.77
N PRO A 46 -10.31 -4.15 -3.63
CA PRO A 46 -9.86 -4.66 -2.32
C PRO A 46 -10.69 -5.86 -1.86
N SER A 47 -10.27 -6.45 -0.74
CA SER A 47 -10.97 -7.60 -0.20
C SER A 47 -12.45 -7.31 0.02
N GLY A 48 -12.72 -6.12 0.56
CA GLY A 48 -14.10 -5.73 0.81
C GLY A 48 -14.77 -6.59 1.86
N PRO A 49 -14.51 -6.28 3.15
CA PRO A 49 -15.08 -7.02 4.28
C PRO A 49 -16.57 -6.78 4.43
N SER A 50 -17.17 -7.40 5.45
CA SER A 50 -18.60 -7.27 5.69
C SER A 50 -18.87 -6.11 6.65
N SER A 51 -20.04 -5.49 6.49
CA SER A 51 -20.43 -4.36 7.34
C SER A 51 -21.46 -4.79 8.36
N GLY A 52 -21.46 -4.11 9.51
CA GLY A 52 -22.41 -4.44 10.56
C GLY A 52 -22.08 -3.76 11.87
N GLY A 1 16.66 -4.95 -10.84
CA GLY A 1 15.56 -4.87 -11.78
C GLY A 1 15.96 -4.20 -13.08
N SER A 2 15.80 -4.93 -14.19
CA SER A 2 16.15 -4.41 -15.50
C SER A 2 15.59 -3.01 -15.70
N SER A 3 14.28 -2.88 -15.50
CA SER A 3 13.61 -1.59 -15.66
C SER A 3 13.73 -0.75 -14.39
N GLY A 4 13.25 -1.30 -13.28
CA GLY A 4 13.30 -0.59 -12.02
C GLY A 4 13.60 -1.51 -10.85
N SER A 5 12.66 -1.59 -9.91
CA SER A 5 12.82 -2.44 -8.73
C SER A 5 11.61 -3.35 -8.55
N SER A 6 11.83 -4.48 -7.89
CA SER A 6 10.75 -5.44 -7.64
C SER A 6 10.36 -5.44 -6.16
N GLY A 7 9.10 -5.76 -5.91
CA GLY A 7 8.61 -5.80 -4.54
C GLY A 7 7.13 -6.12 -4.46
N PRO A 8 6.65 -6.42 -3.24
CA PRO A 8 5.24 -6.76 -3.01
C PRO A 8 4.33 -5.54 -3.16
N VAL A 9 3.03 -5.74 -2.95
CA VAL A 9 2.06 -4.67 -3.08
C VAL A 9 2.13 -3.72 -1.87
N GLY A 10 1.30 -2.69 -1.89
CA GLY A 10 1.28 -1.73 -0.80
C GLY A 10 2.34 -0.65 -0.96
N TRP A 11 2.09 0.50 -0.36
CA TRP A 11 3.02 1.62 -0.45
C TRP A 11 3.94 1.65 0.77
N GLN A 12 5.24 1.52 0.53
CA GLN A 12 6.24 1.54 1.60
C GLN A 12 6.31 2.92 2.24
N CYS A 13 5.93 3.00 3.52
CA CYS A 13 5.97 4.26 4.25
C CYS A 13 7.24 5.05 3.92
N PRO A 14 7.06 6.32 3.54
CA PRO A 14 8.17 7.20 3.20
C PRO A 14 9.01 7.59 4.42
N GLY A 15 8.69 6.98 5.56
CA GLY A 15 9.42 7.27 6.78
C GLY A 15 9.95 6.02 7.45
N CYS A 16 9.07 5.03 7.63
CA CYS A 16 9.46 3.77 8.26
C CYS A 16 9.47 2.63 7.25
N THR A 17 9.27 2.98 5.98
CA THR A 17 9.26 1.98 4.92
C THR A 17 8.42 0.77 5.30
N PHE A 18 7.30 1.02 5.95
CA PHE A 18 6.40 -0.05 6.37
C PHE A 18 5.35 -0.34 5.30
N ILE A 19 5.69 -1.22 4.38
CA ILE A 19 4.78 -1.58 3.30
C ILE A 19 3.33 -1.56 3.77
N ASN A 20 2.64 -0.46 3.50
CA ASN A 20 1.25 -0.31 3.90
C ASN A 20 0.31 -0.68 2.75
N LYS A 21 -0.70 -1.49 3.05
CA LYS A 21 -1.66 -1.92 2.04
C LYS A 21 -2.13 -0.73 1.20
N PRO A 22 -2.45 -1.01 -0.08
CA PRO A 22 -2.92 0.02 -1.01
C PRO A 22 -4.30 0.55 -0.65
N THR A 23 -4.86 0.05 0.44
CA THR A 23 -6.18 0.47 0.89
C THR A 23 -6.08 1.41 2.08
N ARG A 24 -4.96 1.35 2.80
CA ARG A 24 -4.75 2.20 3.96
C ARG A 24 -3.88 3.41 3.61
N PRO A 25 -4.52 4.58 3.48
CA PRO A 25 -3.83 5.82 3.14
C PRO A 25 -2.93 6.32 4.27
N GLY A 26 -2.84 5.52 5.34
CA GLY A 26 -2.02 5.90 6.48
C GLY A 26 -1.07 4.80 6.88
N CYS A 27 -0.15 5.11 7.80
CA CYS A 27 0.82 4.14 8.28
C CYS A 27 0.40 3.56 9.62
N GLU A 28 1.02 2.45 9.99
CA GLU A 28 0.70 1.78 11.25
C GLU A 28 1.82 2.00 12.27
N MET A 29 3.06 1.98 11.79
CA MET A 29 4.21 2.17 12.67
C MET A 29 4.30 3.62 13.13
N CYS A 30 4.77 4.49 12.24
CA CYS A 30 4.90 5.91 12.56
C CYS A 30 3.64 6.68 12.16
N CYS A 31 2.56 5.95 11.93
CA CYS A 31 1.30 6.57 11.54
C CYS A 31 1.54 7.75 10.61
N ARG A 32 2.61 7.69 9.83
CA ARG A 32 2.96 8.76 8.90
C ARG A 32 2.06 8.72 7.67
N ALA A 33 1.29 9.79 7.47
CA ALA A 33 0.39 9.87 6.32
C ALA A 33 1.05 9.33 5.06
N ARG A 34 0.25 8.75 4.18
CA ARG A 34 0.75 8.18 2.94
C ARG A 34 1.18 9.29 1.98
N PRO A 35 2.34 9.10 1.33
CA PRO A 35 2.88 10.07 0.38
C PRO A 35 2.07 10.15 -0.90
N GLU A 36 1.77 11.37 -1.33
CA GLU A 36 0.98 11.58 -2.54
C GLU A 36 1.67 10.94 -3.74
N ALA A 37 2.99 11.10 -3.82
CA ALA A 37 3.76 10.53 -4.91
C ALA A 37 3.24 9.16 -5.31
N TYR A 38 3.32 8.21 -4.38
CA TYR A 38 2.86 6.85 -4.62
C TYR A 38 1.54 6.85 -5.40
N GLN A 39 1.27 5.77 -6.11
CA GLN A 39 0.04 5.64 -6.89
C GLN A 39 -0.77 4.44 -6.44
N VAL A 40 -2.09 4.61 -6.40
CA VAL A 40 -2.98 3.53 -5.99
C VAL A 40 -4.19 3.43 -6.92
N PRO A 41 -4.39 2.24 -7.50
CA PRO A 41 -5.51 1.99 -8.41
C PRO A 41 -6.86 1.98 -7.70
N ALA A 42 -7.85 2.63 -8.31
CA ALA A 42 -9.18 2.69 -7.72
C ALA A 42 -9.63 1.32 -7.21
N SER A 43 -9.83 0.39 -8.13
CA SER A 43 -10.26 -0.96 -7.77
C SER A 43 -9.06 -1.83 -7.40
N TYR A 44 -9.17 -2.51 -6.27
CA TYR A 44 -8.10 -3.39 -5.79
C TYR A 44 -8.67 -4.64 -5.12
N GLN A 45 -8.19 -5.79 -5.54
CA GLN A 45 -8.64 -7.06 -4.98
C GLN A 45 -7.47 -7.88 -4.46
N PRO A 46 -7.43 -8.11 -3.15
CA PRO A 46 -6.36 -8.88 -2.50
C PRO A 46 -6.44 -10.36 -2.84
N SER A 47 -7.39 -10.72 -3.69
CA SER A 47 -7.57 -12.11 -4.10
C SER A 47 -8.03 -12.96 -2.92
N GLY A 48 -9.01 -12.46 -2.17
CA GLY A 48 -9.53 -13.19 -1.03
C GLY A 48 -10.33 -14.40 -1.42
N PRO A 49 -11.13 -14.93 -0.48
CA PRO A 49 -11.97 -16.10 -0.72
C PRO A 49 -13.13 -15.79 -1.67
N SER A 50 -13.20 -14.55 -2.14
CA SER A 50 -14.27 -14.14 -3.05
C SER A 50 -14.30 -15.03 -4.28
N SER A 51 -13.13 -15.29 -4.85
CA SER A 51 -13.03 -16.12 -6.04
C SER A 51 -12.23 -17.39 -5.75
N GLY A 52 -12.93 -18.46 -5.35
CA GLY A 52 -12.28 -19.71 -5.05
C GLY A 52 -12.83 -20.36 -3.80
N GLY A 1 21.02 -12.58 -5.29
CA GLY A 1 20.16 -11.43 -5.08
C GLY A 1 18.80 -11.59 -5.72
N SER A 2 18.39 -10.60 -6.50
CA SER A 2 17.09 -10.63 -7.17
C SER A 2 16.00 -11.12 -6.22
N SER A 3 16.04 -10.64 -4.98
CA SER A 3 15.06 -11.03 -3.97
C SER A 3 13.70 -10.38 -4.26
N GLY A 4 12.93 -11.01 -5.14
CA GLY A 4 11.63 -10.48 -5.49
C GLY A 4 11.71 -9.29 -6.42
N SER A 5 12.16 -9.53 -7.65
CA SER A 5 12.29 -8.48 -8.65
C SER A 5 11.12 -7.50 -8.57
N SER A 6 9.91 -8.05 -8.47
CA SER A 6 8.71 -7.23 -8.38
C SER A 6 8.23 -7.11 -6.93
N GLY A 7 8.62 -6.03 -6.28
CA GLY A 7 8.24 -5.81 -4.90
C GLY A 7 6.77 -6.12 -4.66
N PRO A 8 6.41 -6.37 -3.39
CA PRO A 8 5.04 -6.68 -3.00
C PRO A 8 4.11 -5.49 -3.13
N VAL A 9 2.84 -5.69 -2.80
CA VAL A 9 1.84 -4.63 -2.88
C VAL A 9 2.00 -3.65 -1.71
N GLY A 10 1.09 -2.66 -1.65
CA GLY A 10 1.14 -1.69 -0.58
C GLY A 10 2.22 -0.64 -0.81
N TRP A 11 2.00 0.55 -0.25
CA TRP A 11 2.96 1.63 -0.39
C TRP A 11 3.91 1.70 0.80
N GLN A 12 5.20 1.52 0.53
CA GLN A 12 6.20 1.56 1.59
C GLN A 12 6.28 2.94 2.23
N CYS A 13 5.93 3.00 3.52
CA CYS A 13 5.96 4.26 4.25
C CYS A 13 7.23 5.05 3.94
N PRO A 14 7.06 6.32 3.53
CA PRO A 14 8.17 7.20 3.20
C PRO A 14 8.99 7.60 4.43
N GLY A 15 8.66 7.00 5.57
CA GLY A 15 9.36 7.31 6.80
C GLY A 15 9.89 6.07 7.49
N CYS A 16 9.03 5.06 7.62
CA CYS A 16 9.41 3.80 8.27
C CYS A 16 9.47 2.67 7.25
N THR A 17 9.22 2.99 5.99
CA THR A 17 9.25 2.00 4.93
C THR A 17 8.42 0.78 5.31
N PHE A 18 7.28 1.02 5.96
CA PHE A 18 6.40 -0.07 6.37
C PHE A 18 5.36 -0.37 5.30
N ILE A 19 5.72 -1.23 4.36
CA ILE A 19 4.83 -1.60 3.28
C ILE A 19 3.37 -1.62 3.75
N ASN A 20 2.68 -0.50 3.53
CA ASN A 20 1.28 -0.38 3.92
C ASN A 20 0.35 -0.73 2.77
N LYS A 21 -0.66 -1.55 3.06
CA LYS A 21 -1.62 -1.96 2.04
C LYS A 21 -2.06 -0.78 1.20
N PRO A 22 -2.38 -1.05 -0.08
CA PRO A 22 -2.83 -0.02 -1.02
C PRO A 22 -4.21 0.51 -0.68
N THR A 23 -4.78 0.03 0.41
CA THR A 23 -6.10 0.45 0.84
C THR A 23 -6.01 1.40 2.04
N ARG A 24 -4.92 1.31 2.78
CA ARG A 24 -4.71 2.15 3.95
C ARG A 24 -3.90 3.39 3.58
N PRO A 25 -4.58 4.54 3.51
CA PRO A 25 -3.94 5.82 3.17
C PRO A 25 -3.03 6.32 4.28
N GLY A 26 -2.89 5.52 5.33
CA GLY A 26 -2.03 5.91 6.44
C GLY A 26 -1.08 4.80 6.85
N CYS A 27 -0.17 5.11 7.77
CA CYS A 27 0.81 4.14 8.23
C CYS A 27 0.39 3.55 9.58
N GLU A 28 0.99 2.42 9.93
CA GLU A 28 0.68 1.76 11.20
C GLU A 28 1.79 1.97 12.22
N MET A 29 3.04 1.91 11.75
CA MET A 29 4.19 2.10 12.62
C MET A 29 4.29 3.54 13.09
N CYS A 30 4.76 4.42 12.21
CA CYS A 30 4.91 5.83 12.55
C CYS A 30 3.68 6.61 12.11
N CYS A 31 2.58 5.91 11.88
CA CYS A 31 1.33 6.54 11.46
C CYS A 31 1.61 7.76 10.59
N ARG A 32 2.67 7.68 9.78
CA ARG A 32 3.04 8.77 8.90
C ARG A 32 2.15 8.79 7.65
N ALA A 33 1.38 9.86 7.49
CA ALA A 33 0.49 10.00 6.35
C ALA A 33 1.13 9.42 5.09
N ARG A 34 0.29 8.93 4.18
CA ARG A 34 0.77 8.34 2.94
C ARG A 34 1.24 9.43 1.97
N PRO A 35 2.35 9.14 1.27
CA PRO A 35 2.94 10.08 0.31
C PRO A 35 2.07 10.24 -0.94
N GLU A 36 1.93 11.48 -1.40
CA GLU A 36 1.14 11.77 -2.58
C GLU A 36 1.70 11.07 -3.82
N ALA A 37 3.03 11.13 -3.96
CA ALA A 37 3.70 10.48 -5.09
C ALA A 37 3.04 9.17 -5.45
N TYR A 38 2.83 8.32 -4.45
CA TYR A 38 2.20 7.02 -4.65
C TYR A 38 0.79 7.17 -5.19
N GLN A 39 0.35 6.19 -5.99
CA GLN A 39 -0.97 6.21 -6.57
C GLN A 39 -1.75 4.95 -6.22
N VAL A 40 -3.05 5.11 -5.96
CA VAL A 40 -3.90 3.97 -5.62
C VAL A 40 -4.73 3.52 -6.81
N PRO A 41 -4.72 2.21 -7.08
CA PRO A 41 -5.46 1.62 -8.20
C PRO A 41 -6.97 1.65 -7.97
N ALA A 42 -7.73 1.49 -9.04
CA ALA A 42 -9.18 1.50 -8.96
C ALA A 42 -9.69 0.56 -7.86
N SER A 43 -11.00 0.47 -7.72
CA SER A 43 -11.60 -0.39 -6.71
C SER A 43 -10.75 -1.64 -6.48
N TYR A 44 -9.93 -1.60 -5.43
CA TYR A 44 -9.06 -2.72 -5.10
C TYR A 44 -9.65 -3.56 -3.98
N GLN A 45 -9.84 -4.86 -4.26
CA GLN A 45 -10.41 -5.77 -3.27
C GLN A 45 -9.35 -6.20 -2.26
N PRO A 46 -9.59 -5.88 -0.98
CA PRO A 46 -8.68 -6.23 0.11
C PRO A 46 -8.64 -7.72 0.39
N SER A 47 -7.94 -8.12 1.44
CA SER A 47 -7.83 -9.52 1.82
C SER A 47 -9.13 -10.26 1.52
N GLY A 48 -10.24 -9.74 2.03
CA GLY A 48 -11.52 -10.37 1.81
C GLY A 48 -11.82 -11.46 2.82
N PRO A 49 -12.45 -11.08 3.94
CA PRO A 49 -12.80 -12.03 5.01
C PRO A 49 -13.91 -12.98 4.59
N SER A 50 -13.53 -14.17 4.14
CA SER A 50 -14.50 -15.17 3.71
C SER A 50 -14.49 -16.37 4.64
N SER A 51 -13.31 -16.93 4.88
CA SER A 51 -13.16 -18.09 5.76
C SER A 51 -12.99 -17.65 7.21
N GLY A 52 -14.10 -17.38 7.88
CA GLY A 52 -14.05 -16.96 9.26
C GLY A 52 -12.92 -15.98 9.53
#